data_3LD6
#
_entry.id   3LD6
#
_cell.length_a   145.726
_cell.length_b   145.726
_cell.length_c   110.341
_cell.angle_alpha   90.00
_cell.angle_beta   90.00
_cell.angle_gamma   90.00
#
_symmetry.space_group_name_H-M   'P 4 21 2'
#
loop_
_entity.id
_entity.type
_entity.pdbx_description
1 polymer 'Lanosterol 14-alpha demethylase'
2 branched Cycloheptakis-(1-4)-(alpha-D-glucopyranose)
3 non-polymer 'PROTOPORPHYRIN IX CONTAINING FE'
4 non-polymer 1-acetyl-4-(4-{[(2R,4S)-2-(2,4-dichlorophenyl)-2-(1H-imidazol-1-ylmethyl)-1,3-dioxolan-4-yl]methoxy}phenyl)piperazine
5 water water
#
_entity_poly.entity_id   1
_entity_poly.type   'polypeptide(L)'
_entity_poly.pdbx_seq_one_letter_code
;MAKKTLPAGVKSPPYIFSPIPFLGHAIAFGKSPIEFLENAYEKYGPVFSFTMVGKTFTYLLGSDAAALLFNSKNEDLNAE
DVYSRLTTPVFGKGVAYDVPNPVFLEQKKMLKSGLNIAHFKQHVSIIEKETKEYFESWGESGEKNVFEALSELIILTASH
CLHGKEIRSQLNEKVAQLYADLDGGFSHAAWLLPGWLPLPSFRRRDRAHREIKDIFYKAIQKRRQSQEKIDDILQTLLDA
TYKDGRPLTDDEVAGMLIGLLLAGQHTSSTTSAWMGFFLARDKTLQKKCYLEQKTVCGENLPPLTYDQLKDLNLLDRCIK
ETLRLRPPIMIMMRMARTPQTVAGYTIPPGHQVCVSPTVNQRLKDSWVERLDFNPDRYLQDNPASGEKFAYVPFGAGRHR
CIGENFAYVQIKTIWSTMLRLYEFDLIDGYFPTVNYTTMIHTPENPVIRYKRRSTHHHHHH
;
_entity_poly.pdbx_strand_id   A,B
#
# COMPACT_ATOMS: atom_id res chain seq x y z
N VAL A 10 -1.75 33.73 5.25
CA VAL A 10 -2.83 32.89 4.65
C VAL A 10 -2.25 31.84 3.72
N LYS A 11 -2.30 30.58 4.15
CA LYS A 11 -1.70 29.47 3.41
C LYS A 11 -2.51 28.19 3.57
N SER A 12 -2.85 27.53 2.48
CA SER A 12 -3.61 26.27 2.59
C SER A 12 -2.74 25.08 3.00
N PRO A 13 -3.34 23.99 3.50
CA PRO A 13 -2.51 22.87 3.97
C PRO A 13 -1.68 22.25 2.86
N PRO A 14 -0.52 21.67 3.19
CA PRO A 14 0.18 20.86 2.20
C PRO A 14 -0.77 19.90 1.49
N TYR A 15 -0.69 19.83 0.16
CA TYR A 15 -1.57 19.01 -0.65
C TYR A 15 -0.80 17.86 -1.35
N ILE A 16 -1.35 16.64 -1.29
CA ILE A 16 -0.73 15.50 -1.94
C ILE A 16 -1.38 15.26 -3.29
N PHE A 17 -0.57 15.40 -4.34
CA PHE A 17 -1.03 15.24 -5.73
C PHE A 17 -1.22 13.77 -6.07
N SER A 18 -2.11 13.49 -7.01
CA SER A 18 -2.26 12.16 -7.56
C SER A 18 -2.37 12.24 -9.07
N PRO A 19 -1.69 11.32 -9.79
CA PRO A 19 -1.91 11.18 -11.25
C PRO A 19 -3.37 10.83 -11.59
N ILE A 20 -3.90 9.80 -10.94
CA ILE A 20 -5.27 9.31 -11.18
C ILE A 20 -6.33 10.44 -11.07
N PRO A 21 -7.03 10.72 -12.19
CA PRO A 21 -7.91 11.90 -12.31
C PRO A 21 -9.03 12.01 -11.27
N PHE A 22 -10.05 11.17 -11.36
CA PHE A 22 -11.20 11.27 -10.47
C PHE A 22 -10.94 10.57 -9.13
N LEU A 23 -10.47 9.32 -9.21
CA LEU A 23 -10.28 8.47 -8.04
C LEU A 23 -9.28 9.04 -7.05
N GLY A 24 -8.24 9.69 -7.57
CA GLY A 24 -7.16 10.21 -6.73
C GLY A 24 -6.55 9.09 -5.93
N HIS A 25 -6.44 9.26 -4.61
CA HIS A 25 -5.82 8.26 -3.77
C HIS A 25 -6.74 7.12 -3.29
N ALA A 26 -7.90 6.95 -3.93
CA ALA A 26 -8.92 5.98 -3.48
C ALA A 26 -8.37 4.59 -3.19
N ILE A 27 -7.51 4.09 -4.08
CA ILE A 27 -6.95 2.74 -3.92
C ILE A 27 -5.92 2.68 -2.80
N ALA A 28 -4.95 3.60 -2.83
CA ALA A 28 -3.91 3.64 -1.80
C ALA A 28 -4.49 3.85 -0.40
N PHE A 29 -5.49 4.73 -0.30
CA PHE A 29 -6.17 4.93 0.99
C PHE A 29 -7.05 3.75 1.33
N GLY A 30 -7.87 3.32 0.39
CA GLY A 30 -8.77 2.20 0.58
C GLY A 30 -8.09 0.96 1.12
N LYS A 31 -6.98 0.58 0.50
CA LYS A 31 -6.28 -0.66 0.83
C LYS A 31 -5.73 -0.69 2.27
N SER A 32 -5.09 0.41 2.68
CA SER A 32 -4.56 0.54 4.02
C SER A 32 -4.49 2.02 4.43
N PRO A 33 -5.55 2.52 5.07
CA PRO A 33 -5.71 3.93 5.45
C PRO A 33 -4.68 4.40 6.47
N ILE A 34 -4.41 3.58 7.47
CA ILE A 34 -3.47 3.91 8.52
C ILE A 34 -2.05 3.97 7.95
N GLU A 35 -1.71 3.01 7.10
CA GLU A 35 -0.42 2.99 6.41
C GLU A 35 -0.24 4.27 5.59
N PHE A 36 -1.27 4.58 4.80
CA PHE A 36 -1.31 5.81 4.00
C PHE A 36 -1.15 7.05 4.89
N LEU A 37 -1.93 7.13 5.96
CA LEU A 37 -1.96 8.31 6.82
C LEU A 37 -0.69 8.52 7.61
N GLU A 38 0.01 7.44 7.95
CA GLU A 38 1.23 7.54 8.74
C GLU A 38 2.40 7.92 7.83
N ASN A 39 2.40 7.40 6.62
CA ASN A 39 3.36 7.82 5.60
C ASN A 39 3.18 9.28 5.23
N ALA A 40 1.93 9.71 5.13
CA ALA A 40 1.63 11.11 4.92
C ALA A 40 2.12 11.96 6.09
N TYR A 41 1.88 11.50 7.33
CA TYR A 41 2.41 12.18 8.51
C TYR A 41 3.94 12.38 8.45
N GLU A 42 4.64 11.35 7.98
CA GLU A 42 6.08 11.37 7.81
C GLU A 42 6.52 12.52 6.91
N LYS A 43 6.08 12.46 5.65
CA LYS A 43 6.45 13.41 4.60
C LYS A 43 5.99 14.84 4.83
N TYR A 44 4.77 15.00 5.35
CA TYR A 44 4.06 16.28 5.28
C TYR A 44 3.72 16.93 6.61
N GLY A 45 3.72 16.16 7.70
CA GLY A 45 3.37 16.69 9.02
C GLY A 45 1.94 16.46 9.47
N PRO A 46 1.50 17.18 10.51
CA PRO A 46 0.20 17.01 11.20
C PRO A 46 -1.03 17.35 10.37
N VAL A 47 -0.86 18.18 9.34
CA VAL A 47 -1.99 18.71 8.59
C VAL A 47 -1.69 18.63 7.11
N PHE A 48 -2.56 17.94 6.39
CA PHE A 48 -2.41 17.82 4.95
C PHE A 48 -3.74 17.50 4.30
N SER A 49 -3.76 17.60 2.97
CA SER A 49 -4.96 17.49 2.19
C SER A 49 -4.69 16.58 1.02
N PHE A 50 -5.67 15.77 0.67
CA PHE A 50 -5.60 14.96 -0.54
C PHE A 50 -7.03 14.73 -1.01
N THR A 51 -7.18 14.16 -2.20
CA THR A 51 -8.51 13.96 -2.73
C THR A 51 -8.83 12.51 -3.10
N MET A 52 -10.09 12.13 -2.90
CA MET A 52 -10.58 10.81 -3.26
C MET A 52 -11.96 10.96 -3.88
N VAL A 53 -12.17 10.28 -5.01
CA VAL A 53 -13.47 10.28 -5.70
C VAL A 53 -14.06 11.71 -5.77
N GLY A 54 -13.26 12.65 -6.26
CA GLY A 54 -13.64 14.06 -6.35
C GLY A 54 -13.93 14.82 -5.06
N LYS A 55 -13.67 14.21 -3.90
CA LYS A 55 -13.81 14.90 -2.62
C LYS A 55 -12.42 15.22 -2.11
N THR A 56 -12.26 16.37 -1.47
CA THR A 56 -10.99 16.73 -0.88
C THR A 56 -11.05 16.61 0.64
N PHE A 57 -10.07 15.90 1.19
CA PHE A 57 -9.97 15.70 2.63
C PHE A 57 -8.77 16.42 3.19
N THR A 58 -8.96 17.01 4.36
CA THR A 58 -7.84 17.53 5.15
C THR A 58 -7.82 16.75 6.46
N TYR A 59 -6.70 16.08 6.72
CA TYR A 59 -6.54 15.33 7.95
C TYR A 59 -5.81 16.10 9.05
N LEU A 60 -6.31 15.94 10.27
CA LEU A 60 -5.69 16.55 11.44
C LEU A 60 -5.15 15.44 12.30
N LEU A 61 -3.83 15.29 12.31
CA LEU A 61 -3.18 14.23 13.08
C LEU A 61 -2.36 14.76 14.24
N GLY A 62 -2.46 14.07 15.37
CA GLY A 62 -1.81 14.50 16.60
C GLY A 62 -2.78 15.32 17.41
N SER A 63 -2.52 15.40 18.71
CA SER A 63 -3.40 16.07 19.65
C SER A 63 -3.66 17.53 19.25
N ASP A 64 -2.60 18.26 18.92
CA ASP A 64 -2.71 19.69 18.66
C ASP A 64 -3.57 20.00 17.44
N ALA A 65 -3.33 19.28 16.34
CA ALA A 65 -4.10 19.47 15.11
C ALA A 65 -5.57 19.03 15.27
N ALA A 66 -5.80 17.85 15.81
CA ALA A 66 -7.15 17.34 16.06
C ALA A 66 -7.99 18.26 17.00
N ALA A 67 -7.32 19.05 17.82
CA ALA A 67 -7.97 20.03 18.67
C ALA A 67 -8.89 20.96 17.87
N LEU A 68 -8.54 21.24 16.62
CA LEU A 68 -9.39 22.06 15.76
C LEU A 68 -10.78 21.44 15.59
N LEU A 69 -10.84 20.16 15.22
CA LEU A 69 -12.11 19.51 14.97
C LEU A 69 -12.87 19.37 16.29
N PHE A 70 -12.16 18.95 17.32
CA PHE A 70 -12.76 18.67 18.62
C PHE A 70 -13.33 19.90 19.33
N ASN A 71 -12.67 21.05 19.20
CA ASN A 71 -13.11 22.28 19.86
C ASN A 71 -14.16 23.08 19.07
N SER A 72 -14.30 22.79 17.78
CA SER A 72 -15.06 23.68 16.91
C SER A 72 -16.58 23.57 17.07
N LYS A 73 -17.27 24.64 16.70
CA LYS A 73 -18.72 24.69 16.75
C LYS A 73 -19.25 24.04 15.50
N ASN A 74 -20.48 23.53 15.56
CA ASN A 74 -21.05 22.76 14.47
C ASN A 74 -21.27 23.58 13.21
N GLU A 75 -21.48 24.89 13.35
CA GLU A 75 -21.61 25.82 12.22
C GLU A 75 -20.35 25.86 11.36
N ASP A 76 -19.19 25.77 12.03
CA ASP A 76 -17.92 25.83 11.35
C ASP A 76 -17.53 24.46 10.77
N LEU A 77 -17.45 23.46 11.66
CA LEU A 77 -17.19 22.09 11.25
C LEU A 77 -18.42 21.22 11.51
N ASN A 78 -19.14 20.91 10.44
CA ASN A 78 -20.49 20.34 10.51
C ASN A 78 -20.50 18.84 10.22
N ALA A 79 -21.21 18.09 11.05
CA ALA A 79 -21.32 16.65 10.91
C ALA A 79 -22.54 16.21 10.10
N GLU A 80 -23.68 16.91 10.22
CA GLU A 80 -24.84 16.56 9.38
C GLU A 80 -24.45 16.49 7.90
N ASP A 81 -23.71 17.49 7.44
CA ASP A 81 -23.33 17.56 6.03
C ASP A 81 -22.64 16.31 5.52
N VAL A 82 -21.94 15.60 6.42
CA VAL A 82 -21.15 14.45 6.00
C VAL A 82 -21.74 13.12 6.44
N TYR A 83 -22.50 13.13 7.52
CA TYR A 83 -23.04 11.88 8.04
C TYR A 83 -24.46 11.58 7.56
N SER A 84 -25.23 12.64 7.30
CA SER A 84 -26.67 12.50 7.06
C SER A 84 -27.10 11.49 5.99
N ARG A 85 -26.40 11.46 4.85
CA ARG A 85 -26.71 10.54 3.76
C ARG A 85 -26.63 9.08 4.20
N LEU A 86 -25.71 8.76 5.10
CA LEU A 86 -25.64 7.41 5.66
C LEU A 86 -26.72 7.18 6.70
N THR A 87 -26.88 8.17 7.58
CA THR A 87 -27.54 8.00 8.85
C THR A 87 -29.06 8.06 8.80
N THR A 88 -29.58 9.11 8.18
CA THR A 88 -31.00 9.38 8.13
C THR A 88 -31.77 8.21 7.51
N PRO A 89 -31.29 7.69 6.35
CA PRO A 89 -32.02 6.55 5.81
C PRO A 89 -32.11 5.38 6.78
N VAL A 90 -31.13 5.26 7.68
CA VAL A 90 -31.09 4.11 8.60
C VAL A 90 -31.88 4.37 9.88
N PHE A 91 -31.66 5.51 10.54
CA PHE A 91 -32.35 5.76 11.81
C PHE A 91 -33.72 6.36 11.58
N GLY A 92 -33.89 7.07 10.46
CA GLY A 92 -35.15 7.72 10.14
C GLY A 92 -35.15 9.21 10.48
N LYS A 93 -36.24 9.86 10.10
CA LYS A 93 -36.39 11.30 10.23
C LYS A 93 -36.50 11.80 11.66
N GLY A 94 -36.18 13.07 11.87
CA GLY A 94 -36.42 13.76 13.14
C GLY A 94 -35.51 13.36 14.28
N VAL A 95 -34.37 12.78 13.93
CA VAL A 95 -33.51 12.14 14.90
C VAL A 95 -32.06 12.31 14.43
N ALA A 96 -31.13 12.41 15.37
CA ALA A 96 -29.69 12.39 15.07
C ALA A 96 -29.22 13.47 14.08
N TYR A 97 -28.86 13.11 12.87
CA TYR A 97 -28.33 14.10 11.92
C TYR A 97 -29.38 14.56 10.90
N ASP A 98 -30.65 14.35 11.20
CA ASP A 98 -31.73 14.84 10.35
C ASP A 98 -32.33 16.14 10.88
N VAL A 99 -31.98 16.48 12.12
CA VAL A 99 -32.48 17.66 12.79
C VAL A 99 -31.30 18.58 13.07
N PRO A 100 -31.55 19.89 13.23
CA PRO A 100 -30.47 20.80 13.62
C PRO A 100 -29.77 20.36 14.90
N ASN A 101 -28.45 20.58 14.96
CA ASN A 101 -27.64 20.10 16.08
C ASN A 101 -28.14 20.39 17.53
N PRO A 102 -28.66 21.61 17.80
CA PRO A 102 -29.17 21.85 19.15
C PRO A 102 -30.29 20.87 19.52
N VAL A 103 -31.05 20.45 18.51
CA VAL A 103 -32.14 19.51 18.74
C VAL A 103 -31.56 18.14 19.07
N PHE A 104 -30.50 17.76 18.36
CA PHE A 104 -29.75 16.54 18.62
C PHE A 104 -29.14 16.50 20.02
N LEU A 105 -28.66 17.66 20.50
CA LEU A 105 -28.05 17.69 21.83
C LEU A 105 -29.07 17.38 22.92
N GLU A 106 -30.26 17.97 22.78
CA GLU A 106 -31.35 17.67 23.69
C GLU A 106 -31.68 16.19 23.62
N GLN A 107 -31.70 15.65 22.41
CA GLN A 107 -31.89 14.21 22.20
C GLN A 107 -30.80 13.39 22.91
N LYS A 108 -29.55 13.79 22.76
CA LYS A 108 -28.44 13.16 23.48
C LYS A 108 -28.57 13.26 25.01
N LYS A 109 -29.11 14.38 25.49
CA LYS A 109 -29.29 14.61 26.93
C LYS A 109 -30.27 13.60 27.51
N MET A 110 -31.31 13.29 26.72
CA MET A 110 -32.35 12.34 27.13
C MET A 110 -31.81 10.92 27.19
N LEU A 111 -31.10 10.51 26.14
CA LEU A 111 -30.47 9.21 26.11
C LEU A 111 -29.51 9.08 27.30
N LYS A 112 -28.66 10.10 27.46
CA LYS A 112 -27.71 10.18 28.57
C LYS A 112 -28.39 9.91 29.91
N SER A 113 -29.50 10.58 30.18
CA SER A 113 -30.22 10.41 31.45
C SER A 113 -30.64 8.95 31.72
N GLY A 114 -30.63 8.12 30.68
CA GLY A 114 -31.00 6.71 30.81
C GLY A 114 -29.78 5.86 31.11
N LEU A 115 -28.62 6.36 30.72
CA LEU A 115 -27.35 5.68 30.93
C LEU A 115 -26.77 6.05 32.29
N ASN A 116 -27.49 5.61 33.34
CA ASN A 116 -27.13 5.86 34.74
C ASN A 116 -26.88 4.59 35.55
N ILE A 117 -26.26 4.77 36.70
CA ILE A 117 -25.92 3.69 37.61
C ILE A 117 -27.10 2.78 37.96
N ALA A 118 -28.27 3.37 38.17
CA ALA A 118 -29.44 2.56 38.52
C ALA A 118 -29.76 1.52 37.46
N HIS A 119 -29.65 1.92 36.19
CA HIS A 119 -29.93 1.00 35.09
C HIS A 119 -28.75 0.07 34.82
N PHE A 120 -27.54 0.58 34.97
CA PHE A 120 -26.32 -0.20 34.78
C PHE A 120 -26.29 -1.42 35.69
N LYS A 121 -26.79 -1.25 36.92
CA LYS A 121 -26.92 -2.35 37.88
C LYS A 121 -27.90 -3.43 37.42
N GLN A 122 -28.97 -3.02 36.74
CA GLN A 122 -29.89 -3.96 36.11
C GLN A 122 -29.21 -4.64 34.92
N HIS A 123 -28.41 -3.86 34.18
CA HIS A 123 -27.74 -4.35 32.97
C HIS A 123 -26.77 -5.49 33.24
N VAL A 124 -25.88 -5.31 34.21
CA VAL A 124 -24.89 -6.34 34.57
C VAL A 124 -25.48 -7.75 34.63
N SER A 125 -26.48 -7.94 35.48
CA SER A 125 -27.03 -9.29 35.67
C SER A 125 -27.86 -9.77 34.46
N ILE A 126 -28.37 -8.84 33.66
CA ILE A 126 -29.01 -9.16 32.38
C ILE A 126 -28.00 -9.70 31.38
N ILE A 127 -26.89 -8.96 31.22
CA ILE A 127 -25.86 -9.30 30.25
C ILE A 127 -25.14 -10.61 30.60
N GLU A 128 -24.87 -10.81 31.89
CA GLU A 128 -24.17 -12.00 32.33
C GLU A 128 -25.01 -13.23 31.98
N LYS A 129 -26.29 -13.18 32.30
CA LYS A 129 -27.24 -14.24 32.00
C LYS A 129 -27.30 -14.52 30.50
N GLU A 130 -27.46 -13.48 29.69
CA GLU A 130 -27.43 -13.64 28.25
C GLU A 130 -26.13 -14.32 27.81
N THR A 131 -25.01 -13.89 28.37
CA THR A 131 -23.71 -14.43 28.00
C THR A 131 -23.58 -15.92 28.36
N LYS A 132 -23.89 -16.27 29.62
CA LYS A 132 -23.87 -17.67 30.06
C LYS A 132 -24.76 -18.54 29.18
N GLU A 133 -25.99 -18.08 28.93
CA GLU A 133 -26.94 -18.86 28.14
C GLU A 133 -26.53 -19.04 26.67
N TYR A 134 -26.04 -17.98 26.04
CA TYR A 134 -25.60 -18.04 24.66
C TYR A 134 -24.45 -19.06 24.44
N PHE A 135 -23.50 -19.08 25.38
CA PHE A 135 -22.27 -19.85 25.19
C PHE A 135 -22.40 -21.30 25.60
N GLU A 136 -23.59 -21.71 26.04
CA GLU A 136 -23.87 -23.11 26.27
C GLU A 136 -23.77 -23.94 25.01
N SER A 137 -24.08 -23.34 23.85
CA SER A 137 -23.97 -24.03 22.56
C SER A 137 -22.51 -24.28 22.15
N TRP A 138 -21.58 -23.66 22.88
CA TRP A 138 -20.16 -23.78 22.54
C TRP A 138 -19.50 -25.02 23.12
N GLY A 139 -20.09 -25.58 24.17
CA GLY A 139 -19.58 -26.84 24.73
C GLY A 139 -18.22 -26.72 25.37
N GLU A 140 -17.61 -27.85 25.68
CA GLU A 140 -16.35 -27.85 26.45
C GLU A 140 -15.15 -27.26 25.73
N SER A 141 -15.05 -27.49 24.42
CA SER A 141 -13.96 -26.97 23.61
C SER A 141 -14.34 -26.90 22.13
N GLY A 142 -13.47 -26.31 21.31
CA GLY A 142 -13.69 -26.31 19.88
C GLY A 142 -12.99 -25.18 19.17
N GLU A 143 -13.52 -24.82 18.00
CA GLU A 143 -12.98 -23.76 17.16
C GLU A 143 -14.15 -23.05 16.47
N LYS A 144 -14.45 -21.84 16.94
CA LYS A 144 -15.58 -21.07 16.44
C LYS A 144 -15.20 -19.64 16.12
N ASN A 145 -16.13 -18.93 15.49
CA ASN A 145 -15.94 -17.58 15.03
C ASN A 145 -16.42 -16.58 16.08
N VAL A 146 -15.49 -16.11 16.93
CA VAL A 146 -15.85 -15.23 18.06
C VAL A 146 -16.62 -14.01 17.64
N PHE A 147 -16.13 -13.32 16.61
CA PHE A 147 -16.77 -12.09 16.21
C PHE A 147 -18.24 -12.31 15.85
N GLU A 148 -18.53 -13.42 15.18
CA GLU A 148 -19.91 -13.75 14.82
C GLU A 148 -20.69 -14.04 16.08
N ALA A 149 -20.09 -14.81 16.99
CA ALA A 149 -20.72 -15.12 18.25
C ALA A 149 -21.02 -13.85 19.04
N LEU A 150 -20.08 -12.91 19.02
CA LEU A 150 -20.20 -11.67 19.78
C LEU A 150 -21.31 -10.77 19.24
N SER A 151 -21.33 -10.51 17.94
CA SER A 151 -22.40 -9.70 17.35
C SER A 151 -23.79 -10.34 17.56
N GLU A 152 -23.87 -11.66 17.39
CA GLU A 152 -25.08 -12.36 17.75
C GLU A 152 -25.47 -12.12 19.21
N LEU A 153 -24.51 -12.29 20.13
CA LEU A 153 -24.72 -12.06 21.55
C LEU A 153 -25.09 -10.61 21.91
N ILE A 154 -24.37 -9.66 21.32
CA ILE A 154 -24.50 -8.24 21.67
C ILE A 154 -25.87 -7.72 21.21
N ILE A 155 -26.38 -8.28 20.11
CA ILE A 155 -27.70 -7.96 19.62
C ILE A 155 -28.73 -8.23 20.73
N LEU A 156 -28.60 -9.39 21.38
CA LEU A 156 -29.44 -9.80 22.48
C LEU A 156 -29.23 -8.89 23.69
N THR A 157 -27.98 -8.66 24.08
CA THR A 157 -27.69 -7.87 25.28
C THR A 157 -28.04 -6.40 25.09
N ALA A 158 -27.68 -5.85 23.92
CA ALA A 158 -27.95 -4.44 23.61
C ALA A 158 -29.44 -4.17 23.52
N SER A 159 -30.18 -5.09 22.91
CA SER A 159 -31.63 -4.93 22.84
C SER A 159 -32.21 -4.99 24.25
N HIS A 160 -31.87 -6.03 25.00
CA HIS A 160 -32.38 -6.22 26.34
C HIS A 160 -32.17 -4.95 27.21
N CYS A 161 -30.98 -4.37 27.14
CA CYS A 161 -30.64 -3.23 27.98
C CYS A 161 -31.18 -1.90 27.46
N LEU A 162 -31.15 -1.74 26.14
CA LEU A 162 -31.42 -0.43 25.56
C LEU A 162 -32.86 -0.29 25.08
N HIS A 163 -33.48 -1.41 24.69
CA HIS A 163 -34.87 -1.40 24.21
C HIS A 163 -35.89 -1.94 25.22
N GLY A 164 -35.46 -2.89 26.06
CA GLY A 164 -36.36 -3.47 27.06
C GLY A 164 -36.80 -4.90 26.79
N LYS A 165 -37.47 -5.50 27.77
CA LYS A 165 -37.85 -6.91 27.72
C LYS A 165 -38.87 -7.24 26.62
N GLU A 166 -39.80 -6.31 26.38
CA GLU A 166 -40.84 -6.53 25.38
C GLU A 166 -40.22 -6.70 23.99
N ILE A 167 -39.40 -5.73 23.57
CA ILE A 167 -38.71 -5.80 22.28
C ILE A 167 -37.74 -6.97 22.19
N ARG A 168 -37.01 -7.26 23.27
CA ARG A 168 -36.05 -8.39 23.26
C ARG A 168 -36.73 -9.73 23.08
N SER A 169 -37.92 -9.88 23.68
CA SER A 169 -38.68 -11.12 23.50
C SER A 169 -39.15 -11.32 22.04
N GLN A 170 -39.13 -10.23 21.27
CA GLN A 170 -39.50 -10.25 19.87
C GLN A 170 -38.34 -10.59 18.93
N LEU A 171 -37.13 -10.73 19.48
CA LEU A 171 -35.93 -10.96 18.66
C LEU A 171 -35.79 -12.37 18.11
N ASN A 172 -36.14 -12.54 16.84
CA ASN A 172 -36.02 -13.84 16.20
C ASN A 172 -35.09 -13.77 14.99
N GLU A 173 -35.07 -14.86 14.21
CA GLU A 173 -34.25 -14.95 13.01
C GLU A 173 -34.61 -13.85 12.01
N LYS A 174 -35.91 -13.51 11.96
CA LYS A 174 -36.41 -12.54 10.99
C LYS A 174 -35.88 -11.14 11.29
N VAL A 175 -36.02 -10.73 12.55
CA VAL A 175 -35.61 -9.40 13.02
C VAL A 175 -34.10 -9.21 12.93
N ALA A 176 -33.35 -10.27 13.23
CA ALA A 176 -31.89 -10.26 13.07
C ALA A 176 -31.48 -9.96 11.62
N GLN A 177 -32.23 -10.52 10.66
CA GLN A 177 -31.99 -10.25 9.25
C GLN A 177 -32.34 -8.82 8.90
N LEU A 178 -33.43 -8.31 9.47
CA LEU A 178 -33.82 -6.92 9.27
C LEU A 178 -32.72 -5.94 9.72
N TYR A 179 -32.11 -6.24 10.89
CA TYR A 179 -31.01 -5.43 11.42
C TYR A 179 -29.77 -5.50 10.55
N ALA A 180 -29.46 -6.68 10.03
CA ALA A 180 -28.35 -6.87 9.10
C ALA A 180 -28.56 -6.10 7.78
N ASP A 181 -29.81 -6.09 7.29
CA ASP A 181 -30.16 -5.28 6.12
C ASP A 181 -29.92 -3.79 6.41
N LEU A 182 -30.28 -3.34 7.62
CA LEU A 182 -30.02 -1.97 8.06
C LEU A 182 -28.53 -1.64 8.11
N ASP A 183 -27.74 -2.56 8.67
CA ASP A 183 -26.28 -2.46 8.70
C ASP A 183 -25.68 -2.23 7.32
N GLY A 184 -26.27 -2.89 6.33
CA GLY A 184 -25.91 -2.72 4.91
C GLY A 184 -26.01 -1.29 4.43
N GLY A 185 -26.78 -0.47 5.15
CA GLY A 185 -26.88 0.96 4.87
C GLY A 185 -25.58 1.71 5.13
N PHE A 186 -24.73 1.12 5.99
CA PHE A 186 -23.42 1.68 6.31
C PHE A 186 -22.35 1.16 5.35
N SER A 187 -22.52 1.46 4.08
CA SER A 187 -21.59 1.07 3.04
C SER A 187 -20.86 2.31 2.52
N HIS A 188 -19.72 2.10 1.86
CA HIS A 188 -19.00 3.19 1.23
C HIS A 188 -19.81 3.69 0.05
N ALA A 189 -20.54 2.75 -0.56
CA ALA A 189 -21.46 3.02 -1.65
C ALA A 189 -22.56 4.04 -1.29
N ALA A 190 -23.18 3.85 -0.11
CA ALA A 190 -24.21 4.79 0.36
C ALA A 190 -23.64 6.19 0.60
N TRP A 191 -22.36 6.24 0.98
CA TRP A 191 -21.68 7.51 1.19
C TRP A 191 -21.27 8.20 -0.11
N LEU A 192 -20.82 7.40 -1.09
CA LEU A 192 -20.37 7.95 -2.37
C LEU A 192 -21.52 8.26 -3.34
N LEU A 193 -22.31 7.24 -3.66
CA LEU A 193 -23.32 7.33 -4.75
C LEU A 193 -24.67 7.92 -4.31
N PRO A 194 -25.26 8.80 -5.16
CA PRO A 194 -26.59 9.40 -4.96
C PRO A 194 -27.71 8.42 -4.60
N GLY A 195 -28.64 8.87 -3.76
CA GLY A 195 -29.68 8.03 -3.16
C GLY A 195 -30.82 7.57 -4.05
N TRP A 196 -30.92 8.14 -5.25
CA TRP A 196 -31.94 7.73 -6.22
C TRP A 196 -31.52 6.49 -7.05
N LEU A 197 -30.27 6.07 -6.91
CA LEU A 197 -29.80 4.81 -7.52
C LEU A 197 -30.32 3.61 -6.74
N PRO A 198 -30.58 2.48 -7.43
CA PRO A 198 -31.08 1.33 -6.71
C PRO A 198 -30.14 0.13 -6.71
N LEU A 199 -29.15 0.12 -5.80
CA LEU A 199 -28.39 -1.11 -5.52
C LEU A 199 -29.29 -1.97 -4.64
N PRO A 200 -29.18 -3.30 -4.78
CA PRO A 200 -29.85 -4.22 -3.88
C PRO A 200 -29.89 -3.76 -2.41
N SER A 201 -28.77 -3.24 -1.90
CA SER A 201 -28.64 -2.94 -0.46
C SER A 201 -29.45 -1.72 0.02
N PHE A 202 -29.77 -0.80 -0.90
CA PHE A 202 -30.60 0.37 -0.58
C PHE A 202 -32.06 -0.04 -0.38
N ARG A 203 -32.57 -0.83 -1.32
CA ARG A 203 -33.92 -1.41 -1.23
C ARG A 203 -34.11 -2.11 0.11
N ARG A 204 -33.15 -2.98 0.44
CA ARG A 204 -33.13 -3.70 1.71
C ARG A 204 -33.14 -2.77 2.92
N ARG A 205 -32.22 -1.80 2.94
CA ARG A 205 -32.16 -0.80 3.99
C ARG A 205 -33.50 -0.09 4.20
N ASP A 206 -34.12 0.31 3.09
CA ASP A 206 -35.40 1.03 3.11
C ASP A 206 -36.58 0.16 3.58
N ARG A 207 -36.60 -1.10 3.13
CA ARG A 207 -37.68 -2.02 3.47
C ARG A 207 -37.58 -2.39 4.94
N ALA A 208 -36.36 -2.64 5.39
CA ALA A 208 -36.09 -3.06 6.77
C ALA A 208 -36.32 -1.92 7.76
N HIS A 209 -36.04 -0.70 7.32
CA HIS A 209 -36.34 0.48 8.12
C HIS A 209 -37.82 0.60 8.47
N ARG A 210 -38.67 0.28 7.50
CA ARG A 210 -40.12 0.32 7.69
C ARG A 210 -40.61 -0.76 8.64
N GLU A 211 -40.15 -1.98 8.42
CA GLU A 211 -40.54 -3.14 9.23
C GLU A 211 -40.09 -3.07 10.68
N ILE A 212 -38.93 -2.43 10.92
CA ILE A 212 -38.39 -2.26 12.28
C ILE A 212 -39.17 -1.19 13.03
N LYS A 213 -39.42 -0.08 12.35
CA LYS A 213 -40.25 1.00 12.91
C LYS A 213 -41.63 0.48 13.30
N ASP A 214 -42.20 -0.34 12.41
CA ASP A 214 -43.48 -1.01 12.65
C ASP A 214 -43.43 -1.89 13.89
N ILE A 215 -42.35 -2.65 14.05
CA ILE A 215 -42.15 -3.47 15.24
C ILE A 215 -42.05 -2.60 16.51
N PHE A 216 -41.21 -1.58 16.45
CA PHE A 216 -40.99 -0.67 17.59
C PHE A 216 -42.24 0.13 17.93
N TYR A 217 -43.03 0.48 16.91
CA TYR A 217 -44.28 1.23 17.11
C TYR A 217 -45.20 0.47 18.04
N LYS A 218 -45.49 -0.80 17.73
CA LYS A 218 -46.43 -1.57 18.57
C LYS A 218 -45.88 -1.83 19.95
N ALA A 219 -44.56 -1.98 20.04
CA ALA A 219 -43.87 -2.15 21.31
C ALA A 219 -43.96 -0.92 22.19
N ILE A 220 -43.85 0.26 21.57
CA ILE A 220 -44.00 1.54 22.27
C ILE A 220 -45.44 1.72 22.71
N GLN A 221 -46.36 1.40 21.81
CA GLN A 221 -47.81 1.41 22.08
C GLN A 221 -48.13 0.58 23.31
N LYS A 222 -47.67 -0.68 23.33
CA LYS A 222 -47.99 -1.61 24.41
C LYS A 222 -47.48 -1.24 25.81
N ARG A 223 -46.32 -0.60 25.89
CA ARG A 223 -45.81 -0.21 27.21
C ARG A 223 -46.42 1.09 27.70
N ARG A 224 -46.75 1.97 26.77
CA ARG A 224 -47.45 3.22 27.06
C ARG A 224 -48.77 2.89 27.77
N GLN A 225 -49.11 1.60 27.81
CA GLN A 225 -50.40 1.12 28.32
C GLN A 225 -50.36 0.36 29.64
N SER A 226 -49.40 -0.56 29.80
CA SER A 226 -49.34 -1.37 31.02
C SER A 226 -48.97 -0.52 32.24
N GLN A 227 -49.31 -1.03 33.43
CA GLN A 227 -49.05 -0.33 34.71
C GLN A 227 -47.78 -0.78 35.42
N GLU A 228 -47.23 -1.92 35.03
CA GLU A 228 -45.93 -2.36 35.53
C GLU A 228 -45.00 -1.17 35.51
N LYS A 229 -44.59 -0.70 36.68
CA LYS A 229 -43.66 0.42 36.72
C LYS A 229 -42.23 -0.03 36.41
N ILE A 230 -41.96 -0.15 35.10
CA ILE A 230 -40.66 -0.57 34.57
C ILE A 230 -39.72 0.63 34.51
N ASP A 231 -38.60 0.55 35.21
CA ASP A 231 -37.62 1.63 35.25
C ASP A 231 -36.41 1.26 34.39
N ASP A 232 -36.49 1.57 33.10
CA ASP A 232 -35.43 1.25 32.15
C ASP A 232 -35.23 2.38 31.11
N ILE A 233 -34.40 2.11 30.10
CA ILE A 233 -34.05 3.15 29.14
C ILE A 233 -35.23 3.56 28.26
N LEU A 234 -36.08 2.59 27.91
CA LEU A 234 -37.26 2.90 27.11
C LEU A 234 -38.19 3.85 27.86
N GLN A 235 -38.48 3.53 29.12
CA GLN A 235 -39.36 4.35 29.92
C GLN A 235 -38.81 5.77 30.06
N THR A 236 -37.51 5.88 30.27
CA THR A 236 -36.81 7.17 30.29
C THR A 236 -37.12 7.97 28.99
N LEU A 237 -37.23 7.29 27.86
CA LEU A 237 -37.53 7.97 26.62
C LEU A 237 -39.00 8.38 26.57
N LEU A 238 -39.89 7.44 26.91
CA LEU A 238 -41.33 7.69 26.96
C LEU A 238 -41.71 8.82 27.94
N ASP A 239 -40.84 9.07 28.92
CA ASP A 239 -41.11 10.09 29.94
C ASP A 239 -40.34 11.38 29.72
N ALA A 240 -39.50 11.40 28.69
CA ALA A 240 -38.62 12.54 28.46
C ALA A 240 -39.35 13.71 27.82
N THR A 241 -38.72 14.88 27.87
CA THR A 241 -39.31 16.13 27.43
C THR A 241 -38.21 17.13 27.04
N TYR A 242 -38.37 17.79 25.88
CA TYR A 242 -37.47 18.87 25.48
C TYR A 242 -37.63 20.05 26.44
N LYS A 243 -36.72 21.02 26.39
CA LYS A 243 -36.90 22.27 27.15
C LYS A 243 -38.30 22.88 26.90
N ASP A 244 -38.80 22.76 25.68
CA ASP A 244 -40.20 23.00 25.30
C ASP A 244 -41.24 22.61 26.33
N GLY A 245 -41.04 21.47 26.96
CA GLY A 245 -42.14 20.75 27.58
C GLY A 245 -42.68 19.63 26.70
N ARG A 246 -42.42 19.68 25.39
CA ARG A 246 -42.94 18.68 24.45
C ARG A 246 -42.32 17.27 24.57
N PRO A 247 -43.16 16.26 24.86
CA PRO A 247 -42.64 14.89 24.89
C PRO A 247 -42.32 14.38 23.48
N LEU A 248 -41.56 13.30 23.40
CA LEU A 248 -41.22 12.67 22.12
C LEU A 248 -42.43 12.01 21.48
N THR A 249 -42.51 12.09 20.16
CA THR A 249 -43.51 11.32 19.42
C THR A 249 -43.01 9.89 19.36
N ASP A 250 -43.88 8.96 18.99
CA ASP A 250 -43.46 7.57 18.84
C ASP A 250 -42.41 7.41 17.76
N ASP A 251 -42.43 8.26 16.74
CA ASP A 251 -41.50 8.16 15.63
C ASP A 251 -40.11 8.62 16.05
N GLU A 252 -40.05 9.56 17.00
CA GLU A 252 -38.78 9.98 17.56
C GLU A 252 -38.18 8.91 18.46
N VAL A 253 -39.00 8.38 19.38
CA VAL A 253 -38.60 7.29 20.25
C VAL A 253 -38.10 6.11 19.40
N ALA A 254 -38.90 5.73 18.41
CA ALA A 254 -38.52 4.65 17.47
C ALA A 254 -37.17 4.92 16.80
N GLY A 255 -36.98 6.14 16.33
CA GLY A 255 -35.71 6.57 15.73
C GLY A 255 -34.51 6.36 16.62
N MET A 256 -34.51 6.97 17.81
CA MET A 256 -33.37 6.83 18.71
C MET A 256 -33.16 5.41 19.23
N LEU A 257 -34.21 4.60 19.24
CA LEU A 257 -34.05 3.18 19.55
C LEU A 257 -33.24 2.48 18.48
N ILE A 258 -33.50 2.80 17.21
CA ILE A 258 -32.70 2.27 16.12
C ILE A 258 -31.29 2.83 16.24
N GLY A 259 -31.20 4.13 16.45
CA GLY A 259 -29.91 4.76 16.78
C GLY A 259 -29.13 4.01 17.83
N LEU A 260 -29.81 3.64 18.92
CA LEU A 260 -29.16 2.96 20.06
C LEU A 260 -28.59 1.59 19.73
N LEU A 261 -29.34 0.81 18.94
CA LEU A 261 -28.92 -0.54 18.61
C LEU A 261 -27.75 -0.54 17.63
N LEU A 262 -27.80 0.36 16.65
CA LEU A 262 -26.74 0.48 15.68
C LEU A 262 -25.49 0.96 16.40
N ALA A 263 -25.67 1.94 17.28
CA ALA A 263 -24.57 2.53 18.02
C ALA A 263 -23.94 1.52 18.97
N GLY A 264 -24.77 0.88 19.78
CA GLY A 264 -24.29 -0.01 20.82
C GLY A 264 -24.02 -1.45 20.38
N GLN A 265 -23.88 -1.67 19.08
CA GLN A 265 -23.76 -3.04 18.58
C GLN A 265 -22.37 -3.37 18.08
N HIS A 266 -22.00 -2.84 16.92
CA HIS A 266 -20.77 -3.24 16.22
C HIS A 266 -19.54 -2.57 16.81
N THR A 267 -19.76 -1.52 17.59
CA THR A 267 -18.69 -0.91 18.35
C THR A 267 -18.25 -1.85 19.46
N SER A 268 -19.21 -2.47 20.14
CA SER A 268 -18.89 -3.43 21.21
C SER A 268 -18.43 -4.78 20.69
N SER A 269 -18.99 -5.21 19.58
CA SER A 269 -18.72 -6.54 19.08
C SER A 269 -17.34 -6.65 18.44
N THR A 270 -16.97 -5.65 17.63
CA THR A 270 -15.62 -5.62 17.07
C THR A 270 -14.56 -5.47 18.18
N THR A 271 -14.83 -4.57 19.13
CA THR A 271 -13.90 -4.31 20.22
C THR A 271 -13.71 -5.55 21.08
N SER A 272 -14.80 -6.24 21.41
CA SER A 272 -14.70 -7.47 22.19
C SER A 272 -13.90 -8.54 21.43
N ALA A 273 -14.17 -8.66 20.13
CA ALA A 273 -13.51 -9.66 19.28
C ALA A 273 -12.00 -9.47 19.26
N TRP A 274 -11.57 -8.22 19.07
CA TRP A 274 -10.16 -7.87 19.09
C TRP A 274 -9.51 -8.20 20.43
N MET A 275 -10.19 -7.84 21.52
CA MET A 275 -9.67 -8.14 22.84
C MET A 275 -9.48 -9.64 23.01
N GLY A 276 -10.43 -10.43 22.53
CA GLY A 276 -10.31 -11.88 22.50
C GLY A 276 -9.00 -12.29 21.88
N PHE A 277 -8.68 -11.69 20.75
CA PHE A 277 -7.45 -12.04 20.04
C PHE A 277 -6.20 -11.50 20.72
N PHE A 278 -6.30 -10.32 21.34
CA PHE A 278 -5.17 -9.82 22.11
C PHE A 278 -4.90 -10.70 23.33
N LEU A 279 -5.97 -11.22 23.92
CA LEU A 279 -5.84 -12.09 25.08
C LEU A 279 -5.35 -13.48 24.71
N ALA A 280 -5.74 -13.94 23.53
CA ALA A 280 -5.32 -15.24 23.05
C ALA A 280 -3.84 -15.20 22.64
N ARG A 281 -3.40 -14.09 22.04
CA ARG A 281 -2.01 -13.91 21.71
C ARG A 281 -1.11 -13.85 22.95
N ASP A 282 -1.60 -13.25 24.03
CA ASP A 282 -0.82 -13.09 25.25
C ASP A 282 -1.42 -13.89 26.39
N LYS A 283 -0.96 -15.13 26.53
CA LYS A 283 -1.61 -16.07 27.43
C LYS A 283 -1.40 -15.78 28.93
N THR A 284 -0.30 -15.15 29.30
CA THR A 284 -0.05 -14.88 30.72
C THR A 284 -0.86 -13.66 31.14
N LEU A 285 -1.02 -12.72 30.23
CA LEU A 285 -1.97 -11.62 30.43
C LEU A 285 -3.38 -12.16 30.63
N GLN A 286 -3.80 -13.08 29.74
CA GLN A 286 -5.14 -13.66 29.82
C GLN A 286 -5.39 -14.27 31.19
N LYS A 287 -4.42 -15.03 31.70
CA LYS A 287 -4.54 -15.70 33.01
C LYS A 287 -4.61 -14.72 34.17
N LYS A 288 -3.79 -13.67 34.12
CA LYS A 288 -3.87 -12.61 35.12
C LYS A 288 -5.29 -12.02 35.16
N CYS A 289 -5.91 -11.85 34.00
CA CYS A 289 -7.29 -11.37 33.96
C CYS A 289 -8.24 -12.34 34.68
N TYR A 290 -8.04 -13.63 34.47
CA TYR A 290 -8.86 -14.63 35.14
C TYR A 290 -8.59 -14.63 36.66
N LEU A 291 -7.34 -14.41 37.04
CA LEU A 291 -6.98 -14.35 38.45
C LEU A 291 -7.62 -13.15 39.11
N GLU A 292 -7.70 -12.04 38.37
CA GLU A 292 -8.33 -10.81 38.86
C GLU A 292 -9.79 -11.09 39.23
N GLN A 293 -10.48 -11.88 38.41
CA GLN A 293 -11.87 -12.27 38.70
C GLN A 293 -11.98 -12.84 40.13
N LYS A 294 -11.19 -13.87 40.42
CA LYS A 294 -11.11 -14.46 41.75
C LYS A 294 -10.71 -13.44 42.84
N THR A 295 -9.62 -12.70 42.60
CA THR A 295 -9.10 -11.73 43.55
C THR A 295 -10.13 -10.63 43.91
N VAL A 296 -10.90 -10.19 42.92
CA VAL A 296 -11.91 -9.18 43.18
C VAL A 296 -13.23 -9.78 43.69
N CYS A 297 -13.81 -10.69 42.91
CA CYS A 297 -15.17 -11.17 43.18
C CYS A 297 -15.27 -12.34 44.16
N GLY A 298 -14.14 -12.85 44.62
CA GLY A 298 -14.11 -14.04 45.49
C GLY A 298 -13.79 -15.31 44.70
N GLU A 299 -13.41 -16.37 45.42
CA GLU A 299 -13.05 -17.66 44.81
C GLU A 299 -14.29 -18.41 44.34
N ASN A 300 -15.40 -18.20 45.01
CA ASN A 300 -16.65 -18.83 44.61
C ASN A 300 -17.10 -18.39 43.22
N LEU A 301 -16.56 -17.28 42.75
CA LEU A 301 -17.01 -16.65 41.49
C LEU A 301 -18.52 -16.49 41.43
N PRO A 302 -19.08 -15.60 42.29
CA PRO A 302 -20.53 -15.39 42.34
C PRO A 302 -21.01 -14.51 41.19
N PRO A 303 -22.33 -14.30 41.08
CA PRO A 303 -22.88 -13.43 40.05
C PRO A 303 -22.31 -12.02 40.10
N LEU A 304 -22.00 -11.49 38.93
CA LEU A 304 -21.39 -10.17 38.80
C LEU A 304 -22.30 -9.04 39.26
N THR A 305 -21.69 -8.03 39.87
CA THR A 305 -22.38 -6.81 40.26
C THR A 305 -21.64 -5.63 39.69
N TYR A 306 -22.38 -4.56 39.39
CA TYR A 306 -21.80 -3.28 38.93
C TYR A 306 -20.64 -2.83 39.81
N ASP A 307 -20.82 -2.96 41.12
CA ASP A 307 -19.81 -2.56 42.11
C ASP A 307 -18.49 -3.28 41.88
N GLN A 308 -18.56 -4.58 41.61
CA GLN A 308 -17.36 -5.37 41.33
C GLN A 308 -16.62 -4.91 40.08
N LEU A 309 -17.37 -4.56 39.02
CA LEU A 309 -16.77 -4.08 37.76
C LEU A 309 -15.81 -2.91 37.90
N LYS A 310 -16.08 -2.01 38.85
CA LYS A 310 -15.22 -0.85 39.07
C LYS A 310 -13.82 -1.28 39.54
N ASP A 311 -13.77 -2.41 40.23
CA ASP A 311 -12.49 -2.93 40.74
C ASP A 311 -11.78 -3.96 39.85
N LEU A 312 -12.23 -4.14 38.61
CA LEU A 312 -11.52 -4.98 37.65
C LEU A 312 -10.56 -4.13 36.82
N ASN A 313 -9.52 -3.61 37.47
CA ASN A 313 -8.65 -2.60 36.87
C ASN A 313 -7.86 -3.09 35.67
N LEU A 314 -7.40 -4.34 35.74
CA LEU A 314 -6.66 -4.95 34.67
C LEU A 314 -7.56 -5.14 33.44
N LEU A 315 -8.72 -5.74 33.64
CA LEU A 315 -9.65 -5.92 32.53
C LEU A 315 -10.05 -4.57 31.93
N ASP A 316 -10.25 -3.58 32.80
CA ASP A 316 -10.47 -2.19 32.39
C ASP A 316 -9.37 -1.70 31.43
N ARG A 317 -8.12 -1.89 31.82
CA ARG A 317 -7.01 -1.44 31.01
C ARG A 317 -6.82 -2.27 29.76
N CYS A 318 -7.29 -3.51 29.76
CA CYS A 318 -7.26 -4.32 28.54
C CYS A 318 -8.23 -3.77 27.51
N ILE A 319 -9.41 -3.37 27.99
CA ILE A 319 -10.39 -2.73 27.14
C ILE A 319 -9.80 -1.39 26.66
N LYS A 320 -9.30 -0.59 27.60
CA LYS A 320 -8.67 0.67 27.26
C LYS A 320 -7.61 0.49 26.19
N GLU A 321 -6.82 -0.58 26.32
CA GLU A 321 -5.73 -0.86 25.39
C GLU A 321 -6.23 -1.41 24.06
N THR A 322 -7.29 -2.23 24.09
CA THR A 322 -7.95 -2.68 22.87
C THR A 322 -8.42 -1.48 22.06
N LEU A 323 -9.14 -0.57 22.73
CA LEU A 323 -9.73 0.59 22.10
C LEU A 323 -8.66 1.51 21.56
N ARG A 324 -7.48 1.40 22.14
CA ARG A 324 -6.34 2.20 21.74
C ARG A 324 -5.81 1.74 20.37
N LEU A 325 -5.70 0.43 20.19
CA LEU A 325 -5.12 -0.12 18.98
C LEU A 325 -6.15 -0.44 17.91
N ARG A 326 -7.38 -0.69 18.36
CA ARG A 326 -8.48 -1.03 17.47
C ARG A 326 -9.76 -0.21 17.73
N PRO A 327 -9.67 1.13 17.62
CA PRO A 327 -10.93 1.84 17.84
C PRO A 327 -11.95 1.59 16.71
N PRO A 328 -13.20 1.29 17.07
CA PRO A 328 -14.22 0.87 16.10
C PRO A 328 -14.58 2.00 15.14
N ILE A 329 -14.42 3.23 15.59
CA ILE A 329 -14.65 4.38 14.73
C ILE A 329 -13.32 4.98 14.34
N MET A 330 -12.91 4.64 13.14
CA MET A 330 -11.57 4.88 12.67
C MET A 330 -11.37 6.34 12.27
N ILE A 331 -12.42 6.96 11.74
CA ILE A 331 -12.37 8.33 11.24
C ILE A 331 -13.60 9.09 11.67
N MET A 332 -13.40 10.27 12.23
CA MET A 332 -14.46 11.21 12.49
C MET A 332 -14.34 12.35 11.50
N MET A 333 -15.47 12.73 10.93
CA MET A 333 -15.47 13.63 9.78
C MET A 333 -16.36 14.86 9.99
N ARG A 334 -15.98 15.96 9.35
CA ARG A 334 -16.79 17.20 9.36
C ARG A 334 -16.70 17.89 8.01
N MET A 335 -17.76 18.60 7.65
CA MET A 335 -17.73 19.51 6.51
C MET A 335 -17.32 20.88 7.01
N ALA A 336 -16.35 21.48 6.32
CA ALA A 336 -15.91 22.84 6.59
C ALA A 336 -16.85 23.86 5.93
N ARG A 337 -17.62 24.58 6.73
CA ARG A 337 -18.56 25.57 6.18
C ARG A 337 -17.91 26.96 6.12
N THR A 338 -17.11 27.28 7.13
CA THR A 338 -16.36 28.53 7.19
C THR A 338 -14.88 28.19 7.24
N PRO A 339 -13.97 29.13 6.88
CA PRO A 339 -12.55 28.76 6.89
C PRO A 339 -11.98 28.62 8.30
N GLN A 340 -11.12 27.63 8.50
CA GLN A 340 -10.57 27.32 9.82
C GLN A 340 -9.03 27.27 9.80
N THR A 341 -8.40 27.63 10.92
CA THR A 341 -6.95 27.74 10.97
C THR A 341 -6.31 26.85 12.02
N VAL A 342 -5.36 26.04 11.57
CA VAL A 342 -4.58 25.16 12.44
C VAL A 342 -3.16 25.05 11.94
N ALA A 343 -2.20 25.09 12.87
CA ALA A 343 -0.77 24.97 12.58
C ALA A 343 -0.29 25.93 11.50
N GLY A 344 -0.93 27.10 11.43
CA GLY A 344 -0.60 28.11 10.44
C GLY A 344 -1.31 27.96 9.10
N TYR A 345 -2.06 26.87 8.91
CA TYR A 345 -2.77 26.63 7.65
C TYR A 345 -4.26 26.92 7.74
N THR A 346 -4.84 27.29 6.61
CA THR A 346 -6.25 27.65 6.55
C THR A 346 -6.96 26.72 5.60
N ILE A 347 -7.96 26.04 6.13
CA ILE A 347 -8.75 25.09 5.37
C ILE A 347 -9.89 25.85 4.70
N PRO A 348 -10.01 25.73 3.37
CA PRO A 348 -11.10 26.43 2.73
C PRO A 348 -12.43 25.74 3.02
N PRO A 349 -13.52 26.52 3.10
CA PRO A 349 -14.85 25.90 3.18
C PRO A 349 -14.99 24.90 2.05
N GLY A 350 -15.56 23.73 2.32
CA GLY A 350 -15.78 22.71 1.29
C GLY A 350 -14.98 21.44 1.46
N HIS A 351 -13.82 21.54 2.09
CA HIS A 351 -13.00 20.37 2.42
C HIS A 351 -13.73 19.50 3.44
N GLN A 352 -13.50 18.18 3.39
CA GLN A 352 -14.01 17.29 4.43
C GLN A 352 -12.90 17.13 5.46
N VAL A 353 -13.14 17.61 6.67
CA VAL A 353 -12.10 17.66 7.70
C VAL A 353 -12.16 16.43 8.61
N CYS A 354 -11.05 15.69 8.65
CA CYS A 354 -10.99 14.41 9.40
C CYS A 354 -9.92 14.31 10.49
N VAL A 355 -10.27 13.58 11.56
CA VAL A 355 -9.33 13.08 12.56
C VAL A 355 -9.46 11.56 12.56
N SER A 356 -8.38 10.85 12.85
CA SER A 356 -8.43 9.39 13.08
C SER A 356 -7.91 9.03 14.45
N PRO A 357 -8.79 8.55 15.35
CA PRO A 357 -8.30 8.08 16.66
C PRO A 357 -7.22 7.01 16.51
N THR A 358 -7.40 6.09 15.57
CA THR A 358 -6.43 5.03 15.30
C THR A 358 -5.02 5.59 15.17
N VAL A 359 -4.86 6.62 14.35
CA VAL A 359 -3.55 7.19 14.07
C VAL A 359 -3.02 7.95 15.28
N ASN A 360 -3.85 8.82 15.85
CA ASN A 360 -3.50 9.52 17.09
C ASN A 360 -3.00 8.57 18.18
N GLN A 361 -3.65 7.42 18.33
CA GLN A 361 -3.42 6.51 19.45
C GLN A 361 -2.25 5.55 19.26
N ARG A 362 -1.42 5.83 18.27
CA ARG A 362 -0.39 4.91 17.82
C ARG A 362 0.85 5.68 17.37
N LEU A 363 0.82 6.99 17.59
CA LEU A 363 1.75 7.95 17.00
C LEU A 363 3.14 7.82 17.63
N LYS A 364 4.13 7.40 16.83
CA LYS A 364 5.52 7.24 17.32
C LYS A 364 5.91 8.29 18.35
N ASP A 365 5.76 9.56 17.94
CA ASP A 365 6.09 10.75 18.75
C ASP A 365 5.66 10.68 20.22
N SER A 366 4.53 10.03 20.49
CA SER A 366 3.97 10.10 21.84
C SER A 366 3.69 8.74 22.49
N TRP A 367 3.73 7.66 21.72
CA TRP A 367 3.44 6.34 22.27
C TRP A 367 4.68 5.45 22.34
N VAL A 368 5.09 5.10 23.54
CA VAL A 368 6.23 4.21 23.74
C VAL A 368 5.84 2.82 23.26
N GLU A 369 6.62 2.25 22.33
CA GLU A 369 6.33 0.92 21.75
C GLU A 369 4.85 0.83 21.36
N ARG A 370 4.56 1.57 20.29
CA ARG A 370 3.21 1.91 19.88
C ARG A 370 2.37 0.71 19.48
N LEU A 371 2.96 -0.25 18.77
CA LEU A 371 2.19 -1.38 18.25
C LEU A 371 2.01 -2.50 19.27
N ASP A 372 2.63 -2.34 20.44
CA ASP A 372 2.53 -3.34 21.48
C ASP A 372 1.22 -3.25 22.26
N PHE A 373 0.59 -4.40 22.46
CA PHE A 373 -0.58 -4.46 23.30
C PHE A 373 -0.13 -4.60 24.74
N ASN A 374 -0.01 -3.47 25.40
CA ASN A 374 0.46 -3.42 26.77
C ASN A 374 -0.47 -2.62 27.65
N PRO A 375 -1.40 -3.31 28.34
CA PRO A 375 -2.38 -2.71 29.24
C PRO A 375 -1.75 -2.00 30.42
N ASP A 376 -0.48 -2.27 30.69
CA ASP A 376 0.18 -1.67 31.86
C ASP A 376 0.88 -0.35 31.52
N ARG A 377 0.77 0.06 30.25
CA ARG A 377 1.33 1.33 29.81
C ARG A 377 0.66 2.54 30.49
N TYR A 378 -0.51 2.33 31.09
CA TYR A 378 -1.23 3.42 31.75
C TYR A 378 -0.86 3.51 33.22
N LEU A 379 0.17 2.76 33.62
CA LEU A 379 0.72 2.78 34.97
C LEU A 379 2.08 3.48 34.94
N GLN A 380 2.52 3.83 33.73
CA GLN A 380 3.70 4.66 33.53
C GLN A 380 3.21 6.07 33.13
N ASP A 381 4.07 6.86 32.49
CA ASP A 381 3.63 8.12 31.93
C ASP A 381 3.20 7.85 30.50
N ASN A 382 1.94 8.16 30.21
CA ASN A 382 1.35 7.95 28.90
C ASN A 382 0.62 9.22 28.44
N PRO A 383 0.39 9.35 27.10
CA PRO A 383 -0.29 10.53 26.60
C PRO A 383 -1.81 10.55 26.79
N ALA A 384 -2.41 9.44 27.22
CA ALA A 384 -3.86 9.45 27.53
C ALA A 384 -4.18 10.46 28.62
N SER A 385 -3.28 10.58 29.60
CA SER A 385 -3.36 11.65 30.61
C SER A 385 -2.37 12.79 30.33
N GLY A 386 -1.25 12.50 29.68
CA GLY A 386 -0.24 13.52 29.38
C GLY A 386 -0.60 14.53 28.29
N GLU A 387 -1.51 14.13 27.39
CA GLU A 387 -1.94 15.00 26.29
C GLU A 387 -3.45 15.17 26.32
N LYS A 388 -3.96 16.01 25.42
CA LYS A 388 -5.41 16.27 25.39
C LYS A 388 -6.15 15.33 24.45
N PHE A 389 -5.66 15.21 23.23
CA PHE A 389 -6.37 14.48 22.20
C PHE A 389 -5.52 13.37 21.55
N ALA A 390 -4.64 12.77 22.35
CA ALA A 390 -3.85 11.62 21.89
C ALA A 390 -4.70 10.33 21.93
N TYR A 391 -5.51 10.22 22.96
CA TYR A 391 -6.38 9.07 23.17
C TYR A 391 -7.84 9.53 23.21
N VAL A 392 -8.55 9.25 22.12
CA VAL A 392 -9.91 9.78 21.90
C VAL A 392 -10.84 8.79 21.16
N PRO A 393 -10.95 7.55 21.65
CA PRO A 393 -11.79 6.58 20.97
C PRO A 393 -13.28 6.90 21.03
N PHE A 394 -13.70 7.78 21.93
CA PHE A 394 -15.10 8.16 22.10
C PHE A 394 -15.33 9.63 21.71
N GLY A 395 -14.37 10.20 21.01
CA GLY A 395 -14.44 11.59 20.62
C GLY A 395 -14.30 12.57 21.76
N ALA A 396 -14.53 13.84 21.43
CA ALA A 396 -14.51 14.94 22.36
C ALA A 396 -15.33 16.10 21.79
N GLY A 397 -15.68 17.04 22.65
CA GLY A 397 -16.37 18.26 22.22
C GLY A 397 -17.85 18.02 22.05
N ARG A 398 -18.47 18.81 21.17
CA ARG A 398 -19.91 18.81 20.99
C ARG A 398 -20.45 17.44 20.54
N HIS A 399 -19.62 16.69 19.83
CA HIS A 399 -20.05 15.39 19.29
C HIS A 399 -19.56 14.19 20.10
N ARG A 400 -19.06 14.44 21.31
CA ARG A 400 -18.62 13.44 22.28
C ARG A 400 -19.62 12.28 22.41
N CYS A 401 -19.11 11.05 22.51
CA CYS A 401 -19.96 9.88 22.72
C CYS A 401 -20.62 9.92 24.07
N ILE A 402 -21.80 9.32 24.17
CA ILE A 402 -22.51 9.23 25.45
C ILE A 402 -22.57 7.80 25.95
N GLY A 403 -22.03 6.87 25.17
CA GLY A 403 -22.20 5.44 25.39
C GLY A 403 -21.03 4.70 26.05
N GLU A 404 -19.96 5.44 26.36
CA GLU A 404 -18.75 4.87 26.94
C GLU A 404 -19.04 4.03 28.18
N ASN A 405 -19.81 4.57 29.11
CA ASN A 405 -20.08 3.83 30.32
C ASN A 405 -20.86 2.57 30.04
N PHE A 406 -21.84 2.67 29.16
CA PHE A 406 -22.58 1.48 28.79
C PHE A 406 -21.68 0.47 28.07
N ALA A 407 -20.89 0.97 27.13
CA ALA A 407 -19.93 0.13 26.42
C ALA A 407 -19.05 -0.67 27.39
N TYR A 408 -18.48 0.00 28.39
CA TYR A 408 -17.63 -0.68 29.38
C TYR A 408 -18.40 -1.70 30.18
N VAL A 409 -19.62 -1.35 30.59
CA VAL A 409 -20.44 -2.28 31.34
C VAL A 409 -20.66 -3.54 30.49
N GLN A 410 -21.02 -3.34 29.22
CA GLN A 410 -21.38 -4.44 28.34
C GLN A 410 -20.18 -5.36 28.08
N ILE A 411 -19.04 -4.76 27.73
CA ILE A 411 -17.83 -5.49 27.39
C ILE A 411 -17.21 -6.16 28.63
N LYS A 412 -17.17 -5.44 29.75
CA LYS A 412 -16.63 -6.01 30.99
C LYS A 412 -17.45 -7.20 31.44
N THR A 413 -18.77 -7.05 31.41
CA THR A 413 -19.65 -8.12 31.84
C THR A 413 -19.50 -9.32 30.92
N ILE A 414 -19.46 -9.08 29.61
CA ILE A 414 -19.33 -10.16 28.64
C ILE A 414 -17.99 -10.88 28.82
N TRP A 415 -16.90 -10.13 28.76
CA TRP A 415 -15.58 -10.74 28.86
C TRP A 415 -15.25 -11.32 30.23
N SER A 416 -15.67 -10.65 31.30
CA SER A 416 -15.58 -11.27 32.62
C SER A 416 -16.19 -12.68 32.55
N THR A 417 -17.46 -12.77 32.17
CA THR A 417 -18.11 -14.06 32.03
C THR A 417 -17.33 -15.00 31.10
N MET A 418 -16.93 -14.50 29.94
CA MET A 418 -16.27 -15.34 28.96
C MET A 418 -14.98 -15.96 29.52
N LEU A 419 -14.25 -15.20 30.34
CA LEU A 419 -13.04 -15.70 30.99
C LEU A 419 -13.35 -16.78 32.02
N ARG A 420 -14.45 -16.64 32.75
CA ARG A 420 -14.83 -17.66 33.72
C ARG A 420 -15.16 -18.95 33.00
N LEU A 421 -15.77 -18.83 31.82
CA LEU A 421 -16.22 -19.99 31.07
C LEU A 421 -15.14 -20.73 30.32
N TYR A 422 -14.21 -20.00 29.70
CA TYR A 422 -13.24 -20.58 28.76
C TYR A 422 -11.84 -19.97 28.85
N GLU A 423 -10.88 -20.72 28.30
CA GLU A 423 -9.51 -20.25 28.05
C GLU A 423 -9.37 -20.15 26.53
N PHE A 424 -8.74 -19.10 26.01
CA PHE A 424 -8.74 -18.83 24.57
C PHE A 424 -7.36 -18.84 23.95
N ASP A 425 -7.30 -19.27 22.68
CA ASP A 425 -6.04 -19.45 21.98
C ASP A 425 -6.12 -19.10 20.51
N LEU A 426 -5.00 -18.65 19.96
CA LEU A 426 -4.88 -18.49 18.53
C LEU A 426 -4.89 -19.85 17.85
N ILE A 427 -5.51 -19.92 16.68
CA ILE A 427 -5.44 -21.11 15.84
C ILE A 427 -4.17 -21.00 14.99
N ASP A 428 -3.23 -21.93 15.22
CA ASP A 428 -1.93 -21.97 14.51
C ASP A 428 -1.13 -20.66 14.58
N GLY A 429 -1.21 -19.97 15.71
CA GLY A 429 -0.52 -18.69 15.88
C GLY A 429 -0.97 -17.57 14.95
N TYR A 430 -2.17 -17.70 14.36
CA TYR A 430 -2.70 -16.67 13.47
C TYR A 430 -3.35 -15.54 14.26
N PHE A 431 -2.94 -14.31 13.95
CA PHE A 431 -3.59 -13.13 14.47
C PHE A 431 -4.26 -12.41 13.34
N PRO A 432 -5.57 -12.21 13.44
CA PRO A 432 -6.33 -11.64 12.34
C PRO A 432 -5.85 -10.25 11.93
N THR A 433 -5.71 -10.05 10.62
CA THR A 433 -5.47 -8.73 10.05
C THR A 433 -6.80 -8.00 9.89
N VAL A 434 -6.75 -6.71 9.55
CA VAL A 434 -7.96 -5.88 9.51
C VAL A 434 -8.63 -5.86 8.12
N ASN A 435 -9.93 -6.14 8.12
CA ASN A 435 -10.77 -6.03 6.92
C ASN A 435 -11.22 -4.59 6.72
N TYR A 436 -10.75 -3.95 5.65
CA TYR A 436 -11.03 -2.53 5.41
C TYR A 436 -12.13 -2.27 4.38
N THR A 437 -12.56 -3.33 3.69
CA THR A 437 -13.54 -3.23 2.60
C THR A 437 -14.92 -2.74 3.10
N THR A 438 -15.09 -2.67 4.42
CA THR A 438 -16.36 -2.27 5.02
C THR A 438 -16.15 -1.29 6.17
N MET A 439 -17.24 -0.67 6.62
CA MET A 439 -17.19 0.36 7.67
C MET A 439 -17.26 -0.26 9.07
N ILE A 440 -17.87 -1.44 9.16
CA ILE A 440 -17.64 -2.31 10.30
C ILE A 440 -16.24 -2.88 10.07
N HIS A 441 -15.23 -2.29 10.71
CA HIS A 441 -13.86 -2.76 10.49
C HIS A 441 -13.61 -4.06 11.27
N THR A 442 -13.94 -5.14 10.59
CA THR A 442 -13.91 -6.48 11.17
C THR A 442 -12.54 -7.14 11.05
N PRO A 443 -12.25 -8.12 11.93
CA PRO A 443 -11.05 -8.94 11.79
C PRO A 443 -11.21 -10.07 10.75
N GLU A 444 -10.14 -10.35 10.01
CA GLU A 444 -10.11 -11.39 8.96
C GLU A 444 -10.11 -12.78 9.55
N ASN A 445 -11.14 -13.56 9.19
CA ASN A 445 -11.26 -14.95 9.62
C ASN A 445 -11.17 -15.09 11.14
N PRO A 446 -12.08 -14.42 11.88
CA PRO A 446 -11.98 -14.33 13.33
C PRO A 446 -12.38 -15.61 14.07
N VAL A 447 -11.80 -16.73 13.68
CA VAL A 447 -12.05 -18.01 14.34
C VAL A 447 -11.04 -18.16 15.47
N ILE A 448 -11.53 -18.56 16.65
CA ILE A 448 -10.70 -18.70 17.83
C ILE A 448 -10.76 -20.12 18.43
N ARG A 449 -9.67 -20.54 19.05
CA ARG A 449 -9.65 -21.82 19.76
C ARG A 449 -10.06 -21.55 21.19
N TYR A 450 -10.81 -22.49 21.78
CA TYR A 450 -11.29 -22.36 23.14
C TYR A 450 -11.45 -23.72 23.81
N LYS A 451 -11.24 -23.75 25.13
CA LYS A 451 -11.48 -24.94 25.95
C LYS A 451 -11.95 -24.52 27.33
N ARG A 452 -12.81 -25.34 27.93
CA ARG A 452 -13.34 -25.10 29.27
C ARG A 452 -12.23 -24.70 30.26
N ARG A 453 -12.46 -23.61 30.98
CA ARG A 453 -11.51 -23.08 31.95
C ARG A 453 -11.50 -23.92 33.23
N SER A 454 -10.30 -24.10 33.81
CA SER A 454 -10.06 -24.99 34.98
C SER A 454 -11.27 -25.23 35.92
N VAL B 10 9.94 -32.70 2.27
CA VAL B 10 9.21 -31.95 1.19
C VAL B 10 8.17 -30.97 1.78
N LYS B 11 8.33 -29.69 1.47
CA LYS B 11 7.54 -28.64 2.08
C LYS B 11 7.42 -27.48 1.08
N SER B 12 6.26 -26.85 1.02
CA SER B 12 6.05 -25.77 0.07
C SER B 12 6.45 -24.43 0.64
N PRO B 13 6.93 -23.51 -0.22
CA PRO B 13 7.19 -22.18 0.31
C PRO B 13 5.94 -21.64 1.01
N PRO B 14 6.10 -20.81 2.07
CA PRO B 14 4.92 -20.22 2.71
C PRO B 14 4.05 -19.48 1.69
N TYR B 15 2.76 -19.72 1.75
CA TYR B 15 1.82 -19.12 0.82
C TYR B 15 1.11 -17.92 1.44
N ILE B 16 1.00 -16.82 0.68
CA ILE B 16 0.34 -15.60 1.13
C ILE B 16 -1.06 -15.51 0.54
N PHE B 17 -2.05 -15.87 1.36
CA PHE B 17 -3.43 -15.94 0.92
C PHE B 17 -3.95 -14.58 0.54
N SER B 18 -4.96 -14.58 -0.32
CA SER B 18 -5.52 -13.33 -0.84
C SER B 18 -7.04 -13.36 -0.74
N PRO B 19 -7.65 -12.19 -0.45
CA PRO B 19 -9.11 -12.06 -0.53
C PRO B 19 -9.64 -12.26 -1.96
N ILE B 20 -9.12 -11.47 -2.91
CA ILE B 20 -9.71 -11.36 -4.25
C ILE B 20 -9.43 -12.57 -5.17
N PRO B 21 -10.49 -13.33 -5.54
CA PRO B 21 -10.42 -14.57 -6.34
C PRO B 21 -9.39 -14.61 -7.49
N PHE B 22 -9.55 -13.78 -8.53
CA PHE B 22 -8.66 -13.91 -9.69
C PHE B 22 -7.50 -12.90 -9.67
N LEU B 23 -7.84 -11.64 -9.45
CA LEU B 23 -6.84 -10.58 -9.35
C LEU B 23 -5.74 -10.92 -8.36
N GLY B 24 -6.12 -11.41 -7.19
CA GLY B 24 -5.15 -11.79 -6.17
C GLY B 24 -4.54 -10.54 -5.56
N HIS B 25 -3.21 -10.52 -5.51
CA HIS B 25 -2.49 -9.39 -4.96
C HIS B 25 -2.15 -8.33 -6.01
N ALA B 26 -2.72 -8.48 -7.21
CA ALA B 26 -2.44 -7.57 -8.33
C ALA B 26 -2.48 -6.08 -8.00
N ILE B 27 -3.43 -5.66 -7.18
CA ILE B 27 -3.59 -4.24 -6.84
C ILE B 27 -2.59 -3.76 -5.77
N ALA B 28 -2.36 -4.56 -4.73
CA ALA B 28 -1.40 -4.18 -3.69
C ALA B 28 0.05 -4.25 -4.21
N PHE B 29 0.34 -5.25 -5.03
CA PHE B 29 1.68 -5.41 -5.58
C PHE B 29 1.96 -4.43 -6.70
N GLY B 30 0.99 -4.23 -7.59
CA GLY B 30 1.13 -3.26 -8.68
C GLY B 30 1.30 -1.85 -8.16
N LYS B 31 0.63 -1.54 -7.05
CA LYS B 31 0.68 -0.22 -6.46
C LYS B 31 2.10 0.15 -6.01
N SER B 32 2.71 -0.73 -5.24
CA SER B 32 4.09 -0.54 -4.79
C SER B 32 4.73 -1.88 -4.50
N PRO B 33 5.34 -2.50 -5.53
CA PRO B 33 5.90 -3.83 -5.38
C PRO B 33 6.96 -3.93 -4.29
N ILE B 34 7.78 -2.89 -4.14
CA ILE B 34 8.84 -2.94 -3.13
C ILE B 34 8.32 -3.01 -1.68
N GLU B 35 7.44 -2.10 -1.30
CA GLU B 35 6.76 -2.21 -0.01
C GLU B 35 6.10 -3.57 0.20
N PHE B 36 5.39 -4.04 -0.82
CA PHE B 36 4.75 -5.35 -0.76
C PHE B 36 5.77 -6.44 -0.44
N LEU B 37 6.83 -6.52 -1.24
CA LEU B 37 7.85 -7.56 -1.09
C LEU B 37 8.63 -7.47 0.24
N GLU B 38 8.88 -6.25 0.70
CA GLU B 38 9.51 -6.02 1.99
C GLU B 38 8.61 -6.42 3.16
N ASN B 39 7.32 -6.06 3.09
CA ASN B 39 6.36 -6.50 4.12
C ASN B 39 6.32 -8.02 4.18
N ALA B 40 6.33 -8.66 3.01
CA ALA B 40 6.32 -10.10 2.91
C ALA B 40 7.60 -10.71 3.46
N TYR B 41 8.74 -10.06 3.22
CA TYR B 41 10.02 -10.54 3.76
C TYR B 41 10.02 -10.54 5.29
N GLU B 42 9.42 -9.52 5.87
CA GLU B 42 9.33 -9.38 7.32
C GLU B 42 8.49 -10.52 7.88
N LYS B 43 7.28 -10.68 7.33
CA LYS B 43 6.35 -11.67 7.88
C LYS B 43 6.70 -13.12 7.52
N TYR B 44 7.08 -13.37 6.28
CA TYR B 44 7.21 -14.75 5.80
C TYR B 44 8.62 -15.24 5.57
N GLY B 45 9.56 -14.33 5.35
CA GLY B 45 10.96 -14.71 5.14
C GLY B 45 11.46 -14.57 3.70
N PRO B 46 12.56 -15.25 3.38
CA PRO B 46 13.19 -15.02 2.07
C PRO B 46 12.53 -15.77 0.91
N VAL B 47 11.78 -16.82 1.20
CA VAL B 47 11.11 -17.61 0.16
C VAL B 47 9.63 -17.68 0.46
N PHE B 48 8.80 -17.17 -0.46
CA PHE B 48 7.35 -17.20 -0.28
C PHE B 48 6.58 -17.21 -1.61
N SER B 49 5.32 -17.61 -1.55
CA SER B 49 4.44 -17.65 -2.72
C SER B 49 3.24 -16.71 -2.55
N PHE B 50 2.73 -16.20 -3.67
CA PHE B 50 1.45 -15.49 -3.70
C PHE B 50 0.89 -15.50 -5.12
N THR B 51 -0.42 -15.31 -5.23
CA THR B 51 -1.09 -15.30 -6.54
C THR B 51 -1.47 -13.91 -7.02
N MET B 52 -1.18 -13.68 -8.30
CA MET B 52 -1.64 -12.50 -9.02
C MET B 52 -2.20 -12.95 -10.35
N VAL B 53 -3.38 -12.42 -10.72
CA VAL B 53 -3.98 -12.65 -12.04
C VAL B 53 -3.89 -14.12 -12.50
N GLY B 54 -4.43 -15.00 -11.65
CA GLY B 54 -4.44 -16.44 -11.94
C GLY B 54 -3.08 -17.14 -12.02
N LYS B 55 -2.01 -16.40 -11.76
CA LYS B 55 -0.65 -16.96 -11.77
C LYS B 55 0.03 -16.92 -10.39
N THR B 56 0.75 -18.00 -10.06
CA THR B 56 1.47 -18.11 -8.80
C THR B 56 2.95 -17.76 -8.94
N PHE B 57 3.42 -16.90 -8.04
CA PHE B 57 4.80 -16.47 -8.03
C PHE B 57 5.48 -16.86 -6.73
N THR B 58 6.61 -17.53 -6.82
CA THR B 58 7.51 -17.67 -5.69
C THR B 58 8.63 -16.66 -5.82
N TYR B 59 8.82 -15.85 -4.79
CA TYR B 59 9.98 -14.96 -4.74
C TYR B 59 11.12 -15.46 -3.87
N LEU B 60 12.34 -15.12 -4.29
CA LEU B 60 13.59 -15.46 -3.61
C LEU B 60 14.30 -14.17 -3.23
N LEU B 61 14.42 -13.93 -1.93
CA LEU B 61 14.95 -12.66 -1.46
C LEU B 61 16.21 -12.86 -0.65
N GLY B 62 17.13 -11.91 -0.76
CA GLY B 62 18.45 -12.07 -0.17
C GLY B 62 19.37 -12.88 -1.07
N SER B 63 20.61 -13.06 -0.63
CA SER B 63 21.62 -13.72 -1.42
C SER B 63 21.41 -15.23 -1.42
N ASP B 64 21.33 -15.82 -0.24
CA ASP B 64 21.16 -17.26 -0.12
C ASP B 64 20.01 -17.79 -0.97
N ALA B 65 18.86 -17.13 -0.93
CA ALA B 65 17.71 -17.63 -1.69
C ALA B 65 17.84 -17.34 -3.17
N ALA B 66 18.15 -16.09 -3.52
CA ALA B 66 18.42 -15.72 -4.91
C ALA B 66 19.38 -16.69 -5.61
N ALA B 67 20.35 -17.22 -4.86
CA ALA B 67 21.32 -18.19 -5.38
C ALA B 67 20.69 -19.25 -6.29
N LEU B 68 19.54 -19.79 -5.86
CA LEU B 68 18.82 -20.78 -6.64
C LEU B 68 18.58 -20.35 -8.10
N LEU B 69 18.01 -19.15 -8.29
CA LEU B 69 17.65 -18.70 -9.65
C LEU B 69 18.89 -18.43 -10.50
N PHE B 70 19.89 -17.79 -9.89
CA PHE B 70 21.13 -17.48 -10.57
C PHE B 70 21.96 -18.72 -10.93
N ASN B 71 22.03 -19.69 -10.02
CA ASN B 71 22.87 -20.87 -10.20
C ASN B 71 22.28 -21.96 -11.10
N SER B 72 21.00 -21.86 -11.43
CA SER B 72 20.30 -22.98 -12.05
C SER B 72 20.43 -23.03 -13.56
N LYS B 73 20.14 -24.21 -14.11
CA LYS B 73 20.15 -24.41 -15.56
C LYS B 73 18.80 -24.01 -16.13
N ASN B 74 18.83 -23.48 -17.35
CA ASN B 74 17.63 -23.06 -18.04
C ASN B 74 16.64 -24.22 -18.23
N GLU B 75 17.21 -25.44 -18.29
CA GLU B 75 16.47 -26.69 -18.30
C GLU B 75 15.49 -26.74 -17.11
N ASP B 76 15.97 -26.29 -15.94
CA ASP B 76 15.18 -26.31 -14.72
C ASP B 76 14.41 -25.02 -14.46
N LEU B 77 15.07 -23.87 -14.58
CA LEU B 77 14.39 -22.57 -14.48
C LEU B 77 14.46 -21.79 -15.79
N ASN B 78 13.35 -21.81 -16.52
CA ASN B 78 13.33 -21.35 -17.91
C ASN B 78 13.01 -19.87 -18.09
N ALA B 79 13.78 -19.19 -18.93
CA ALA B 79 13.54 -17.78 -19.23
C ALA B 79 12.66 -17.53 -20.46
N GLU B 80 12.74 -18.39 -21.50
CA GLU B 80 11.89 -18.22 -22.69
C GLU B 80 10.40 -18.40 -22.35
N ASP B 81 10.12 -19.42 -21.53
CA ASP B 81 8.77 -19.74 -21.08
C ASP B 81 8.03 -18.53 -20.55
N VAL B 82 8.80 -17.53 -20.14
CA VAL B 82 8.30 -16.41 -19.37
C VAL B 82 8.51 -15.09 -20.07
N TYR B 83 9.48 -15.03 -20.97
CA TYR B 83 9.78 -13.79 -21.70
C TYR B 83 9.29 -13.74 -23.15
N SER B 84 9.24 -14.89 -23.83
CA SER B 84 8.91 -14.92 -25.27
C SER B 84 7.71 -14.08 -25.63
N ARG B 85 6.66 -14.22 -24.83
CA ARG B 85 5.39 -13.52 -24.98
C ARG B 85 5.59 -12.07 -25.40
N LEU B 86 6.51 -11.37 -24.74
CA LEU B 86 6.68 -9.94 -24.98
C LEU B 86 7.91 -9.57 -25.80
N THR B 87 8.93 -10.40 -25.75
CA THR B 87 10.20 -10.09 -26.42
C THR B 87 10.16 -10.43 -27.90
N THR B 88 9.71 -11.65 -28.21
CA THR B 88 9.70 -12.18 -29.57
C THR B 88 8.92 -11.31 -30.56
N PRO B 89 7.71 -10.82 -30.17
CA PRO B 89 7.05 -9.83 -31.02
C PRO B 89 7.88 -8.58 -31.27
N VAL B 90 8.68 -8.16 -30.31
CA VAL B 90 9.50 -6.94 -30.45
C VAL B 90 10.80 -7.17 -31.23
N PHE B 91 11.62 -8.12 -30.77
CA PHE B 91 12.93 -8.33 -31.39
C PHE B 91 12.79 -9.06 -32.73
N GLY B 92 11.97 -10.10 -32.73
CA GLY B 92 11.69 -10.82 -33.94
C GLY B 92 11.88 -12.31 -33.79
N LYS B 93 11.57 -13.03 -34.86
CA LYS B 93 11.79 -14.46 -34.96
C LYS B 93 13.29 -14.76 -34.95
N GLY B 94 13.64 -15.98 -34.49
CA GLY B 94 15.01 -16.50 -34.57
C GLY B 94 16.02 -15.87 -33.65
N VAL B 95 15.62 -14.81 -32.96
CA VAL B 95 16.51 -14.09 -32.04
C VAL B 95 16.00 -14.11 -30.58
N ALA B 96 16.96 -14.10 -29.64
CA ALA B 96 16.72 -14.05 -28.19
C ALA B 96 15.95 -15.25 -27.61
N TYR B 97 14.71 -15.03 -27.17
CA TYR B 97 13.92 -16.07 -26.48
C TYR B 97 13.01 -16.86 -27.44
N ASP B 98 13.32 -16.76 -28.74
CA ASP B 98 12.60 -17.54 -29.73
C ASP B 98 13.34 -18.83 -30.11
N VAL B 99 14.60 -18.92 -29.69
CA VAL B 99 15.42 -20.08 -29.98
C VAL B 99 15.67 -20.84 -28.69
N PRO B 100 16.19 -22.08 -28.77
CA PRO B 100 16.65 -22.70 -27.54
C PRO B 100 17.79 -21.90 -26.92
N ASN B 101 17.87 -21.94 -25.59
CA ASN B 101 18.94 -21.27 -24.84
C ASN B 101 20.36 -21.41 -25.43
N PRO B 102 20.82 -22.64 -25.75
CA PRO B 102 22.21 -22.74 -26.22
C PRO B 102 22.48 -22.00 -27.52
N VAL B 103 21.46 -21.85 -28.35
CA VAL B 103 21.56 -21.06 -29.56
C VAL B 103 21.69 -19.59 -29.18
N PHE B 104 20.91 -19.18 -28.18
CA PHE B 104 20.95 -17.81 -27.67
C PHE B 104 22.35 -17.47 -27.17
N LEU B 105 22.92 -18.32 -26.32
CA LEU B 105 24.25 -18.09 -25.77
C LEU B 105 25.27 -17.74 -26.85
N GLU B 106 25.19 -18.45 -27.97
CA GLU B 106 26.10 -18.24 -29.09
C GLU B 106 25.94 -16.87 -29.71
N GLN B 107 24.70 -16.38 -29.74
CA GLN B 107 24.42 -15.03 -30.21
C GLN B 107 24.94 -14.02 -29.20
N LYS B 108 24.88 -14.39 -27.91
CA LYS B 108 25.40 -13.56 -26.83
C LYS B 108 26.91 -13.38 -26.95
N LYS B 109 27.61 -14.47 -27.28
CA LYS B 109 29.06 -14.42 -27.46
C LYS B 109 29.46 -13.52 -28.64
N MET B 110 28.63 -13.50 -29.68
CA MET B 110 28.85 -12.62 -30.83
C MET B 110 28.76 -11.15 -30.43
N LEU B 111 27.71 -10.79 -29.71
CA LEU B 111 27.54 -9.43 -29.22
C LEU B 111 28.65 -9.03 -28.23
N LYS B 112 29.04 -9.97 -27.35
CA LYS B 112 30.20 -9.80 -26.46
C LYS B 112 31.44 -9.36 -27.23
N SER B 113 31.78 -10.11 -28.28
CA SER B 113 32.93 -9.83 -29.13
C SER B 113 33.00 -8.36 -29.53
N GLY B 114 31.86 -7.80 -29.93
CA GLY B 114 31.77 -6.40 -30.35
C GLY B 114 31.91 -5.39 -29.23
N LEU B 115 31.78 -5.84 -27.99
CA LEU B 115 31.86 -4.97 -26.82
C LEU B 115 33.21 -5.14 -26.10
N ASN B 116 34.23 -4.49 -26.65
CA ASN B 116 35.61 -4.57 -26.15
C ASN B 116 36.29 -3.20 -26.12
N ILE B 117 37.45 -3.16 -25.48
CA ILE B 117 38.18 -1.91 -25.24
C ILE B 117 38.41 -1.05 -26.50
N ALA B 118 38.76 -1.69 -27.61
CA ALA B 118 39.02 -1.01 -28.88
C ALA B 118 37.80 -0.25 -29.38
N HIS B 119 36.64 -0.87 -29.27
CA HIS B 119 35.37 -0.23 -29.65
C HIS B 119 34.99 0.83 -28.62
N PHE B 120 35.15 0.50 -27.34
CA PHE B 120 34.84 1.46 -26.27
C PHE B 120 35.65 2.75 -26.39
N LYS B 121 36.88 2.66 -26.91
CA LYS B 121 37.70 3.85 -27.14
C LYS B 121 37.12 4.73 -28.26
N GLN B 122 36.51 4.09 -29.25
CA GLN B 122 35.80 4.82 -30.31
C GLN B 122 34.54 5.43 -29.73
N HIS B 123 33.86 4.66 -28.88
CA HIS B 123 32.57 5.05 -28.29
C HIS B 123 32.64 6.33 -27.47
N VAL B 124 33.67 6.42 -26.61
CA VAL B 124 33.85 7.56 -25.71
C VAL B 124 33.67 8.89 -26.43
N SER B 125 34.54 9.16 -27.39
CA SER B 125 34.50 10.44 -28.10
C SER B 125 33.20 10.59 -28.90
N ILE B 126 32.71 9.49 -29.45
CA ILE B 126 31.45 9.50 -30.21
C ILE B 126 30.29 9.99 -29.37
N ILE B 127 30.14 9.40 -28.19
CA ILE B 127 29.08 9.75 -27.23
C ILE B 127 29.27 11.18 -26.72
N GLU B 128 30.53 11.54 -26.49
CA GLU B 128 30.90 12.86 -26.01
C GLU B 128 30.44 13.95 -26.96
N LYS B 129 30.62 13.73 -28.27
CA LYS B 129 30.18 14.68 -29.29
C LYS B 129 28.66 14.84 -29.29
N GLU B 130 27.96 13.70 -29.35
CA GLU B 130 26.50 13.68 -29.35
C GLU B 130 25.92 14.42 -28.15
N THR B 131 26.48 14.15 -26.97
CA THR B 131 26.03 14.79 -25.74
C THR B 131 26.15 16.29 -25.87
N LYS B 132 27.38 16.77 -26.11
CA LYS B 132 27.64 18.19 -26.34
C LYS B 132 26.67 18.83 -27.33
N GLU B 133 26.51 18.18 -28.49
CA GLU B 133 25.67 18.70 -29.57
C GLU B 133 24.17 18.64 -29.29
N TYR B 134 23.72 17.63 -28.53
CA TYR B 134 22.32 17.59 -28.11
C TYR B 134 21.99 18.78 -27.22
N PHE B 135 22.81 18.99 -26.19
CA PHE B 135 22.55 19.98 -25.17
C PHE B 135 22.77 21.44 -25.58
N GLU B 136 23.08 21.67 -26.85
CA GLU B 136 23.15 23.03 -27.41
C GLU B 136 21.79 23.73 -27.34
N SER B 137 20.72 22.95 -27.25
CA SER B 137 19.35 23.48 -27.19
C SER B 137 18.93 24.02 -25.82
N TRP B 138 19.62 23.57 -24.77
CA TRP B 138 19.24 23.92 -23.40
C TRP B 138 19.67 25.32 -22.93
N GLY B 139 20.56 25.95 -23.70
CA GLY B 139 21.02 27.29 -23.40
C GLY B 139 21.83 27.36 -22.12
N GLU B 140 21.76 28.50 -21.44
CA GLU B 140 22.59 28.77 -20.27
C GLU B 140 21.92 28.47 -18.92
N SER B 141 20.58 28.48 -18.90
CA SER B 141 19.81 28.13 -17.71
C SER B 141 18.35 27.83 -18.03
N GLY B 142 17.71 27.06 -17.15
CA GLY B 142 16.29 26.80 -17.29
C GLY B 142 15.78 25.64 -16.46
N GLU B 143 14.63 25.13 -16.89
CA GLU B 143 13.97 24.00 -16.23
C GLU B 143 13.41 23.11 -17.32
N LYS B 144 13.97 21.92 -17.44
CA LYS B 144 13.51 21.00 -18.47
C LYS B 144 13.45 19.60 -17.90
N ASN B 145 12.71 18.73 -18.57
CA ASN B 145 12.65 17.32 -18.25
C ASN B 145 13.96 16.62 -18.62
N VAL B 146 14.70 16.19 -17.61
CA VAL B 146 16.00 15.53 -17.84
C VAL B 146 15.85 14.14 -18.44
N PHE B 147 14.87 13.36 -17.96
CA PHE B 147 14.67 12.00 -18.45
C PHE B 147 14.30 11.92 -19.94
N GLU B 148 13.51 12.87 -20.42
CA GLU B 148 13.14 12.90 -21.84
C GLU B 148 14.34 13.28 -22.72
N ALA B 149 15.14 14.23 -22.21
CA ALA B 149 16.37 14.64 -22.88
C ALA B 149 17.33 13.47 -22.96
N LEU B 150 17.45 12.74 -21.85
CA LEU B 150 18.34 11.59 -21.78
C LEU B 150 17.84 10.45 -22.65
N SER B 151 16.53 10.29 -22.71
CA SER B 151 15.90 9.26 -23.53
C SER B 151 16.25 9.49 -24.99
N GLU B 152 16.09 10.72 -25.46
CA GLU B 152 16.42 11.11 -26.82
C GLU B 152 17.91 10.99 -27.13
N LEU B 153 18.75 11.54 -26.25
CA LEU B 153 20.19 11.48 -26.44
C LEU B 153 20.68 10.05 -26.52
N ILE B 154 20.24 9.22 -25.59
CA ILE B 154 20.72 7.84 -25.53
C ILE B 154 20.23 7.01 -26.72
N ILE B 155 19.14 7.42 -27.35
CA ILE B 155 18.70 6.78 -28.59
C ILE B 155 19.64 7.17 -29.74
N LEU B 156 20.26 8.34 -29.61
CA LEU B 156 21.26 8.79 -30.57
C LEU B 156 22.61 8.12 -30.31
N THR B 157 23.07 8.16 -29.06
CA THR B 157 24.35 7.56 -28.68
C THR B 157 24.37 6.03 -28.86
N ALA B 158 23.31 5.35 -28.42
CA ALA B 158 23.22 3.90 -28.52
C ALA B 158 23.24 3.43 -29.96
N SER B 159 22.45 4.10 -30.81
CA SER B 159 22.43 3.82 -32.24
C SER B 159 23.81 4.07 -32.87
N HIS B 160 24.41 5.22 -32.58
CA HIS B 160 25.73 5.55 -33.12
C HIS B 160 26.75 4.46 -32.83
N CYS B 161 26.65 3.86 -31.65
CA CYS B 161 27.66 2.93 -31.14
C CYS B 161 27.38 1.47 -31.46
N LEU B 162 26.13 1.06 -31.28
CA LEU B 162 25.74 -0.35 -31.39
C LEU B 162 25.24 -0.67 -32.77
N HIS B 163 24.69 0.34 -33.43
CA HIS B 163 24.42 0.26 -34.86
C HIS B 163 25.50 1.06 -35.59
N GLY B 164 25.44 1.12 -36.91
CA GLY B 164 26.44 1.86 -37.67
C GLY B 164 26.19 3.35 -37.71
N LYS B 165 27.15 4.09 -38.27
CA LYS B 165 26.93 5.47 -38.69
C LYS B 165 25.83 5.50 -39.76
N GLU B 166 25.76 4.40 -40.53
CA GLU B 166 24.72 4.20 -41.54
C GLU B 166 23.33 4.31 -40.92
N ILE B 167 23.11 3.58 -39.82
CA ILE B 167 21.83 3.61 -39.13
C ILE B 167 21.66 4.92 -38.35
N ARG B 168 22.73 5.42 -37.73
CA ARG B 168 22.64 6.66 -36.98
C ARG B 168 22.23 7.83 -37.86
N SER B 169 22.74 7.85 -39.09
CA SER B 169 22.36 8.87 -40.07
C SER B 169 20.92 8.67 -40.58
N GLN B 170 20.34 7.52 -40.26
CA GLN B 170 18.97 7.19 -40.68
C GLN B 170 17.90 7.57 -39.65
N LEU B 171 18.32 8.11 -38.49
CA LEU B 171 17.38 8.42 -37.43
C LEU B 171 16.76 9.80 -37.56
N ASN B 172 15.43 9.84 -37.65
CA ASN B 172 14.69 11.12 -37.61
C ASN B 172 13.54 11.09 -36.59
N GLU B 173 12.61 12.04 -36.73
CA GLU B 173 11.43 12.12 -35.88
C GLU B 173 10.52 10.89 -35.99
N LYS B 174 10.31 10.41 -37.22
CA LYS B 174 9.36 9.34 -37.48
C LYS B 174 9.92 7.93 -37.23
N VAL B 175 11.22 7.85 -36.94
CA VAL B 175 11.88 6.58 -36.59
C VAL B 175 11.80 6.38 -35.08
N ALA B 176 11.97 7.47 -34.33
CA ALA B 176 11.80 7.46 -32.88
C ALA B 176 10.37 7.07 -32.52
N GLN B 177 9.43 7.46 -33.40
CA GLN B 177 8.03 7.10 -33.24
C GLN B 177 7.84 5.59 -33.39
N LEU B 178 8.58 5.00 -34.33
CA LEU B 178 8.55 3.55 -34.53
C LEU B 178 9.24 2.80 -33.37
N TYR B 179 10.25 3.43 -32.77
CA TYR B 179 10.88 2.90 -31.56
C TYR B 179 9.92 2.98 -30.38
N ALA B 180 9.23 4.11 -30.27
CA ALA B 180 8.20 4.31 -29.25
C ALA B 180 7.11 3.25 -29.38
N ASP B 181 6.77 2.92 -30.63
CA ASP B 181 5.82 1.84 -30.93
C ASP B 181 6.34 0.49 -30.42
N LEU B 182 7.66 0.30 -30.51
CA LEU B 182 8.28 -0.93 -30.03
C LEU B 182 8.36 -1.01 -28.51
N ASP B 183 8.53 0.15 -27.86
CA ASP B 183 8.50 0.23 -26.40
C ASP B 183 7.16 -0.21 -25.83
N GLY B 184 6.08 0.22 -26.49
CA GLY B 184 4.72 -0.16 -26.11
C GLY B 184 4.44 -1.64 -26.20
N GLY B 185 5.45 -2.41 -26.60
CA GLY B 185 5.38 -3.87 -26.56
C GLY B 185 5.75 -4.38 -25.18
N PHE B 186 6.59 -3.62 -24.48
CA PHE B 186 6.94 -3.92 -23.10
C PHE B 186 5.87 -3.35 -22.18
N SER B 187 4.79 -4.10 -22.04
CA SER B 187 3.63 -3.64 -21.30
C SER B 187 3.09 -4.68 -20.31
N HIS B 188 2.39 -4.17 -19.31
CA HIS B 188 1.46 -4.94 -18.50
C HIS B 188 0.71 -5.97 -19.34
N ALA B 189 0.01 -5.48 -20.36
CA ALA B 189 -0.93 -6.25 -21.17
C ALA B 189 -0.30 -7.34 -22.05
N ALA B 190 0.90 -7.07 -22.58
CA ALA B 190 1.59 -8.02 -23.45
C ALA B 190 1.99 -9.29 -22.72
N TRP B 191 2.12 -9.17 -21.40
CA TRP B 191 2.47 -10.32 -20.56
C TRP B 191 1.25 -11.17 -20.20
N LEU B 192 0.19 -10.52 -19.73
CA LEU B 192 -1.01 -11.21 -19.21
C LEU B 192 -1.90 -11.78 -20.30
N LEU B 193 -2.26 -10.92 -21.26
CA LEU B 193 -3.25 -11.25 -22.29
C LEU B 193 -2.64 -11.97 -23.49
N PRO B 194 -3.41 -12.90 -24.09
CA PRO B 194 -2.93 -13.64 -25.26
C PRO B 194 -2.77 -12.74 -26.48
N GLY B 195 -1.78 -13.07 -27.33
CA GLY B 195 -1.42 -12.26 -28.49
C GLY B 195 -2.49 -12.10 -29.57
N TRP B 196 -3.47 -13.01 -29.57
CA TRP B 196 -4.54 -12.99 -30.60
C TRP B 196 -5.58 -11.88 -30.43
N LEU B 197 -5.49 -11.09 -29.36
CA LEU B 197 -6.35 -9.91 -29.19
C LEU B 197 -5.81 -8.73 -29.99
N PRO B 198 -6.70 -7.98 -30.66
CA PRO B 198 -6.27 -6.81 -31.39
C PRO B 198 -6.39 -5.52 -30.57
N LEU B 199 -5.32 -5.17 -29.86
CA LEU B 199 -5.28 -3.95 -29.06
C LEU B 199 -4.58 -2.84 -29.84
N PRO B 200 -4.76 -1.56 -29.42
CA PRO B 200 -4.01 -0.48 -30.07
C PRO B 200 -2.50 -0.74 -30.02
N SER B 201 -1.95 -0.89 -28.81
CA SER B 201 -0.52 -1.11 -28.61
C SER B 201 0.06 -2.29 -29.41
N PHE B 202 -0.73 -3.36 -29.54
CA PHE B 202 -0.32 -4.58 -30.26
C PHE B 202 -0.06 -4.33 -31.75
N ARG B 203 -1.02 -3.70 -32.43
CA ARG B 203 -0.89 -3.34 -33.85
C ARG B 203 0.21 -2.28 -34.04
N ARG B 204 0.19 -1.23 -33.22
CA ARG B 204 1.23 -0.19 -33.21
C ARG B 204 2.64 -0.78 -33.24
N ARG B 205 2.88 -1.71 -32.33
CA ARG B 205 4.17 -2.36 -32.17
C ARG B 205 4.50 -3.18 -33.42
N ASP B 206 3.63 -4.12 -33.76
CA ASP B 206 3.83 -5.00 -34.90
C ASP B 206 4.08 -4.25 -36.21
N ARG B 207 3.42 -3.10 -36.37
CA ARG B 207 3.63 -2.22 -37.52
C ARG B 207 5.08 -1.77 -37.56
N ALA B 208 5.58 -1.32 -36.41
CA ALA B 208 6.93 -0.76 -36.30
C ALA B 208 8.00 -1.81 -36.50
N HIS B 209 7.79 -3.00 -35.96
CA HIS B 209 8.69 -4.12 -36.14
C HIS B 209 8.96 -4.40 -37.63
N ARG B 210 7.89 -4.53 -38.42
CA ARG B 210 8.00 -4.71 -39.88
C ARG B 210 8.81 -3.59 -40.52
N GLU B 211 8.49 -2.33 -40.16
CA GLU B 211 9.16 -1.17 -40.73
C GLU B 211 10.65 -1.15 -40.41
N ILE B 212 10.98 -1.36 -39.14
CA ILE B 212 12.35 -1.20 -38.68
C ILE B 212 13.23 -2.36 -39.11
N LYS B 213 12.66 -3.56 -39.15
CA LYS B 213 13.33 -4.68 -39.78
C LYS B 213 13.67 -4.27 -41.22
N ASP B 214 12.68 -3.70 -41.90
CA ASP B 214 12.82 -3.24 -43.28
C ASP B 214 13.89 -2.16 -43.44
N ILE B 215 13.96 -1.23 -42.49
CA ILE B 215 14.98 -0.18 -42.48
C ILE B 215 16.37 -0.78 -42.22
N PHE B 216 16.44 -1.75 -41.32
CA PHE B 216 17.69 -2.45 -41.03
C PHE B 216 18.16 -3.27 -42.22
N TYR B 217 17.21 -3.82 -42.99
CA TYR B 217 17.53 -4.55 -44.23
C TYR B 217 18.32 -3.69 -45.22
N LYS B 218 17.93 -2.42 -45.37
CA LYS B 218 18.66 -1.47 -46.22
C LYS B 218 20.11 -1.36 -45.75
N ALA B 219 20.28 -0.92 -44.50
CA ALA B 219 21.60 -0.60 -43.96
C ALA B 219 22.54 -1.81 -43.88
N ILE B 220 21.97 -3.00 -43.69
CA ILE B 220 22.74 -4.25 -43.74
C ILE B 220 23.25 -4.47 -45.16
N GLN B 221 22.38 -4.22 -46.13
CA GLN B 221 22.71 -4.30 -47.56
C GLN B 221 23.70 -3.19 -47.93
N LYS B 222 23.48 -2.00 -47.37
CA LYS B 222 24.33 -0.84 -47.63
C LYS B 222 25.78 -1.10 -47.21
N ARG B 223 25.97 -1.78 -46.07
CA ARG B 223 27.32 -2.04 -45.56
C ARG B 223 27.94 -3.31 -46.12
N ARG B 224 27.15 -4.37 -46.20
CA ARG B 224 27.58 -5.62 -46.77
C ARG B 224 28.26 -5.39 -48.14
N GLN B 225 27.93 -4.27 -48.77
CA GLN B 225 28.39 -3.93 -50.13
C GLN B 225 29.50 -2.87 -50.21
N SER B 226 29.55 -1.94 -49.26
CA SER B 226 30.65 -0.97 -49.19
C SER B 226 31.96 -1.64 -48.77
N GLN B 227 33.07 -1.22 -49.34
CA GLN B 227 34.36 -1.88 -49.11
C GLN B 227 35.21 -1.24 -47.99
N GLU B 228 34.97 0.06 -47.73
CA GLU B 228 35.64 0.77 -46.65
C GLU B 228 35.56 -0.08 -45.39
N LYS B 229 36.72 -0.53 -44.91
CA LYS B 229 36.78 -1.37 -43.71
C LYS B 229 36.38 -0.54 -42.49
N ILE B 230 35.18 -0.83 -41.99
CA ILE B 230 34.63 -0.20 -40.80
C ILE B 230 34.56 -1.25 -39.70
N ASP B 231 35.13 -0.93 -38.53
CA ASP B 231 35.18 -1.89 -37.43
C ASP B 231 34.39 -1.42 -36.20
N ASP B 232 33.06 -1.54 -36.30
CA ASP B 232 32.18 -1.29 -35.16
C ASP B 232 31.44 -2.58 -34.77
N ILE B 233 30.29 -2.44 -34.12
CA ILE B 233 29.52 -3.58 -33.62
C ILE B 233 28.77 -4.32 -34.73
N LEU B 234 28.26 -3.56 -35.70
CA LEU B 234 27.53 -4.13 -36.83
C LEU B 234 28.41 -5.07 -37.65
N GLN B 235 29.63 -4.60 -37.92
CA GLN B 235 30.60 -5.40 -38.63
C GLN B 235 30.86 -6.73 -37.90
N THR B 236 30.99 -6.67 -36.58
CA THR B 236 31.25 -7.86 -35.77
C THR B 236 30.16 -8.90 -35.98
N LEU B 237 28.93 -8.44 -36.14
CA LEU B 237 27.79 -9.33 -36.37
C LEU B 237 27.81 -9.90 -37.78
N LEU B 238 28.02 -9.04 -38.77
CA LEU B 238 28.05 -9.48 -40.15
C LEU B 238 29.19 -10.47 -40.41
N ASP B 239 30.24 -10.39 -39.58
CA ASP B 239 31.40 -11.26 -39.75
C ASP B 239 31.33 -12.58 -38.97
N ALA B 240 30.48 -12.64 -37.95
CA ALA B 240 30.42 -13.78 -37.02
C ALA B 240 29.91 -15.07 -37.64
N THR B 241 30.15 -16.20 -36.96
CA THR B 241 29.64 -17.51 -37.36
C THR B 241 29.40 -18.40 -36.13
N TYR B 242 28.41 -19.30 -36.22
CA TYR B 242 28.11 -20.27 -35.16
C TYR B 242 29.19 -21.35 -35.11
N LYS B 243 29.07 -22.28 -34.17
CA LYS B 243 29.93 -23.47 -34.15
C LYS B 243 29.77 -24.19 -35.50
N ASP B 244 28.52 -24.26 -35.98
CA ASP B 244 28.16 -24.65 -37.35
C ASP B 244 29.18 -24.22 -38.40
N GLY B 245 29.52 -22.93 -38.36
CA GLY B 245 30.18 -22.26 -39.46
C GLY B 245 29.19 -21.43 -40.24
N ARG B 246 27.92 -21.54 -39.87
CA ARG B 246 26.86 -20.77 -40.53
C ARG B 246 26.92 -19.30 -40.11
N PRO B 247 26.95 -18.38 -41.09
CA PRO B 247 26.87 -16.96 -40.75
C PRO B 247 25.44 -16.57 -40.37
N LEU B 248 25.26 -15.38 -39.82
CA LEU B 248 23.92 -14.90 -39.45
C LEU B 248 23.17 -14.42 -40.68
N THR B 249 21.90 -14.81 -40.78
CA THR B 249 20.98 -14.25 -41.77
C THR B 249 20.78 -12.78 -41.48
N ASP B 250 20.48 -12.01 -42.52
CA ASP B 250 20.08 -10.61 -42.34
C ASP B 250 18.96 -10.49 -41.31
N ASP B 251 18.07 -11.49 -41.29
CA ASP B 251 16.99 -11.53 -40.31
C ASP B 251 17.54 -11.62 -38.88
N GLU B 252 18.30 -12.67 -38.61
CA GLU B 252 18.99 -12.83 -37.34
C GLU B 252 19.73 -11.56 -36.92
N VAL B 253 20.56 -11.01 -37.81
CA VAL B 253 21.28 -9.75 -37.54
C VAL B 253 20.32 -8.63 -37.14
N ALA B 254 19.32 -8.37 -37.98
CA ALA B 254 18.35 -7.30 -37.71
C ALA B 254 17.61 -7.53 -36.38
N GLY B 255 17.31 -8.79 -36.09
CA GLY B 255 16.73 -9.21 -34.84
C GLY B 255 17.57 -8.79 -33.65
N MET B 256 18.87 -9.09 -33.70
CA MET B 256 19.76 -8.71 -32.60
C MET B 256 20.21 -7.25 -32.61
N LEU B 257 19.90 -6.53 -33.68
CA LEU B 257 20.11 -5.09 -33.70
C LEU B 257 19.02 -4.40 -32.91
N ILE B 258 17.81 -4.96 -32.99
CA ILE B 258 16.66 -4.47 -32.23
C ILE B 258 16.90 -4.71 -30.74
N GLY B 259 17.24 -5.96 -30.40
CA GLY B 259 17.59 -6.32 -29.04
C GLY B 259 18.66 -5.45 -28.41
N LEU B 260 19.61 -4.97 -29.22
CA LEU B 260 20.67 -4.07 -28.73
C LEU B 260 20.14 -2.69 -28.43
N LEU B 261 19.26 -2.20 -29.29
CA LEU B 261 18.67 -0.87 -29.20
C LEU B 261 17.80 -0.75 -27.97
N LEU B 262 17.13 -1.84 -27.61
CA LEU B 262 16.18 -1.79 -26.52
C LEU B 262 16.88 -1.93 -25.19
N ALA B 263 17.68 -2.99 -25.06
CA ALA B 263 18.54 -3.24 -23.91
C ALA B 263 19.42 -2.03 -23.57
N GLY B 264 19.93 -1.37 -24.60
CA GLY B 264 20.93 -0.33 -24.44
C GLY B 264 20.36 1.05 -24.21
N GLN B 265 19.06 1.21 -24.44
CA GLN B 265 18.45 2.54 -24.38
C GLN B 265 17.83 2.88 -23.02
N HIS B 266 16.76 2.18 -22.67
CA HIS B 266 15.99 2.54 -21.49
C HIS B 266 16.69 2.28 -20.15
N THR B 267 17.49 1.23 -20.10
CA THR B 267 18.23 0.86 -18.90
C THR B 267 19.30 1.89 -18.55
N SER B 268 19.67 2.72 -19.53
CA SER B 268 20.72 3.72 -19.33
C SER B 268 20.14 5.11 -19.18
N SER B 269 19.00 5.37 -19.82
CA SER B 269 18.32 6.66 -19.70
C SER B 269 17.75 6.79 -18.30
N THR B 270 17.03 5.75 -17.90
CA THR B 270 16.46 5.66 -16.57
C THR B 270 17.52 5.96 -15.53
N THR B 271 18.59 5.17 -15.54
CA THR B 271 19.64 5.22 -14.55
C THR B 271 20.32 6.58 -14.53
N SER B 272 20.63 7.10 -15.71
CA SER B 272 21.21 8.44 -15.86
C SER B 272 20.31 9.51 -15.26
N ALA B 273 19.01 9.38 -15.50
CA ALA B 273 18.00 10.30 -14.98
C ALA B 273 17.96 10.29 -13.47
N TRP B 274 17.98 9.09 -12.87
CA TRP B 274 17.98 8.98 -11.42
C TRP B 274 19.22 9.61 -10.81
N MET B 275 20.39 9.23 -11.33
CA MET B 275 21.63 9.76 -10.81
C MET B 275 21.65 11.29 -10.85
N GLY B 276 21.10 11.88 -11.91
CA GLY B 276 20.83 13.31 -11.94
C GLY B 276 20.14 13.85 -10.69
N PHE B 277 19.06 13.21 -10.28
CA PHE B 277 18.31 13.69 -9.12
C PHE B 277 18.99 13.46 -7.78
N PHE B 278 19.68 12.33 -7.66
CA PHE B 278 20.55 12.09 -6.50
C PHE B 278 21.66 13.14 -6.37
N LEU B 279 22.24 13.54 -7.49
CA LEU B 279 23.33 14.52 -7.50
C LEU B 279 22.85 15.94 -7.30
N ALA B 280 21.64 16.23 -7.77
CA ALA B 280 21.01 17.52 -7.53
C ALA B 280 20.57 17.64 -6.07
N ARG B 281 20.22 16.52 -5.44
CA ARG B 281 19.81 16.52 -4.04
C ARG B 281 21.02 16.67 -3.12
N ASP B 282 22.16 16.12 -3.54
CA ASP B 282 23.38 16.20 -2.75
C ASP B 282 24.42 17.05 -3.51
N LYS B 283 24.36 18.36 -3.27
CA LYS B 283 25.17 19.35 -3.99
C LYS B 283 26.66 19.29 -3.66
N THR B 284 26.99 18.83 -2.46
CA THR B 284 28.38 18.58 -2.09
C THR B 284 28.97 17.49 -2.98
N LEU B 285 28.30 16.33 -2.99
CA LEU B 285 28.68 15.21 -3.84
C LEU B 285 28.72 15.59 -5.32
N GLN B 286 27.81 16.47 -5.76
CA GLN B 286 27.83 16.93 -7.14
C GLN B 286 29.10 17.73 -7.40
N LYS B 287 29.48 18.56 -6.43
CA LYS B 287 30.69 19.38 -6.50
C LYS B 287 31.95 18.50 -6.55
N LYS B 288 31.99 17.44 -5.73
CA LYS B 288 33.13 16.52 -5.68
C LYS B 288 33.31 15.75 -6.99
N CYS B 289 32.20 15.45 -7.65
CA CYS B 289 32.23 14.76 -8.93
C CYS B 289 32.88 15.62 -10.01
N TYR B 290 32.51 16.91 -10.01
CA TYR B 290 33.10 17.89 -10.91
C TYR B 290 34.56 18.16 -10.56
N LEU B 291 34.87 18.17 -9.27
CA LEU B 291 36.25 18.39 -8.83
C LEU B 291 37.12 17.24 -9.33
N GLU B 292 36.60 16.03 -9.20
CA GLU B 292 37.29 14.83 -9.68
C GLU B 292 37.50 14.86 -11.19
N GLN B 293 36.64 15.56 -11.91
CA GLN B 293 36.80 15.74 -13.35
C GLN B 293 38.07 16.55 -13.69
N LYS B 294 38.32 17.58 -12.88
CA LYS B 294 39.49 18.43 -13.04
C LYS B 294 40.76 17.68 -12.61
N THR B 295 40.71 17.10 -11.41
CA THR B 295 41.81 16.35 -10.80
C THR B 295 42.34 15.25 -11.72
N VAL B 296 41.42 14.55 -12.38
CA VAL B 296 41.79 13.43 -13.22
C VAL B 296 42.17 13.88 -14.63
N CYS B 297 41.30 14.64 -15.27
CA CYS B 297 41.47 15.01 -16.67
C CYS B 297 42.30 16.29 -16.90
N GLY B 298 42.27 17.18 -15.92
CA GLY B 298 42.94 18.49 -16.05
C GLY B 298 41.96 19.65 -16.01
N GLU B 299 42.43 20.80 -15.50
CA GLU B 299 41.64 22.03 -15.40
C GLU B 299 41.21 22.56 -16.76
N ASN B 300 41.98 22.24 -17.80
CA ASN B 300 41.64 22.66 -19.16
C ASN B 300 40.55 21.78 -19.77
N LEU B 301 40.16 20.76 -19.02
CA LEU B 301 39.13 19.79 -19.42
C LEU B 301 39.16 19.39 -20.90
N PRO B 302 40.16 18.58 -21.28
CA PRO B 302 40.27 18.10 -22.66
C PRO B 302 39.22 17.02 -22.96
N PRO B 303 38.95 16.76 -24.26
CA PRO B 303 38.07 15.66 -24.64
C PRO B 303 38.40 14.37 -23.90
N LEU B 304 37.38 13.56 -23.63
CA LEU B 304 37.53 12.38 -22.78
C LEU B 304 38.22 11.19 -23.43
N THR B 305 38.97 10.44 -22.62
CA THR B 305 39.59 9.19 -23.04
C THR B 305 39.12 8.04 -22.15
N TYR B 306 38.95 6.88 -22.77
CA TYR B 306 38.65 5.64 -22.05
C TYR B 306 39.52 5.46 -20.79
N ASP B 307 40.78 5.86 -20.90
CA ASP B 307 41.76 5.67 -19.83
C ASP B 307 41.54 6.58 -18.64
N GLN B 308 40.97 7.75 -18.91
CA GLN B 308 40.58 8.68 -17.86
C GLN B 308 39.39 8.10 -17.06
N LEU B 309 38.45 7.48 -17.78
CA LEU B 309 37.25 6.92 -17.16
C LEU B 309 37.57 5.99 -16.00
N LYS B 310 38.52 5.07 -16.22
CA LYS B 310 38.97 4.13 -15.20
C LYS B 310 39.32 4.80 -13.87
N ASP B 311 39.67 6.09 -13.94
CA ASP B 311 40.14 6.85 -12.78
C ASP B 311 39.10 7.79 -12.13
N LEU B 312 37.93 7.91 -12.76
CA LEU B 312 36.80 8.60 -12.14
C LEU B 312 36.08 7.63 -11.21
N ASN B 313 36.57 7.50 -9.99
CA ASN B 313 36.14 6.44 -9.08
C ASN B 313 34.97 6.80 -8.18
N LEU B 314 34.75 8.10 -8.01
CA LEU B 314 33.60 8.59 -7.26
C LEU B 314 32.38 8.53 -8.18
N LEU B 315 32.54 9.05 -9.39
CA LEU B 315 31.54 8.88 -10.45
C LEU B 315 31.16 7.41 -10.63
N ASP B 316 32.15 6.53 -10.63
CA ASP B 316 31.91 5.10 -10.79
C ASP B 316 31.03 4.58 -9.66
N ARG B 317 31.42 4.91 -8.43
CA ARG B 317 30.65 4.52 -7.26
C ARG B 317 29.25 5.18 -7.19
N CYS B 318 29.14 6.41 -7.72
CA CYS B 318 27.85 7.08 -7.92
C CYS B 318 26.94 6.30 -8.86
N ILE B 319 27.50 5.80 -9.96
CA ILE B 319 26.75 4.91 -10.83
C ILE B 319 26.44 3.58 -10.12
N LYS B 320 27.44 2.97 -9.48
CA LYS B 320 27.21 1.78 -8.66
C LYS B 320 26.07 1.95 -7.65
N GLU B 321 25.98 3.16 -7.08
CA GLU B 321 25.01 3.45 -6.02
C GLU B 321 23.63 3.77 -6.60
N THR B 322 23.61 4.43 -7.77
CA THR B 322 22.36 4.71 -8.46
C THR B 322 21.72 3.40 -8.86
N LEU B 323 22.53 2.48 -9.37
CA LEU B 323 22.05 1.17 -9.78
C LEU B 323 21.62 0.35 -8.58
N ARG B 324 22.17 0.67 -7.41
CA ARG B 324 21.79 -0.06 -6.21
C ARG B 324 20.34 0.28 -5.82
N LEU B 325 19.99 1.56 -5.88
CA LEU B 325 18.70 2.01 -5.36
C LEU B 325 17.65 2.10 -6.46
N ARG B 326 18.12 2.08 -7.72
CA ARG B 326 17.25 2.17 -8.87
C ARG B 326 17.72 1.27 -10.00
N PRO B 327 17.76 -0.06 -9.78
CA PRO B 327 18.06 -0.87 -10.95
C PRO B 327 16.88 -0.91 -11.94
N PRO B 328 17.15 -0.67 -13.24
CA PRO B 328 16.08 -0.59 -14.25
C PRO B 328 15.35 -1.91 -14.45
N ILE B 329 16.09 -3.01 -14.42
CA ILE B 329 15.47 -4.33 -14.37
C ILE B 329 15.16 -4.67 -12.91
N MET B 330 13.94 -4.34 -12.53
CA MET B 330 13.46 -4.47 -11.17
C MET B 330 13.17 -5.90 -10.78
N ILE B 331 12.82 -6.76 -11.76
CA ILE B 331 12.49 -8.15 -11.46
C ILE B 331 13.05 -9.10 -12.52
N MET B 332 13.64 -10.21 -12.07
CA MET B 332 13.99 -11.34 -12.93
C MET B 332 13.04 -12.51 -12.69
N MET B 333 12.66 -13.15 -13.78
CA MET B 333 11.68 -14.21 -13.74
C MET B 333 12.12 -15.47 -14.47
N ARG B 334 11.68 -16.62 -13.96
CA ARG B 334 11.81 -17.88 -14.66
C ARG B 334 10.57 -18.72 -14.47
N MET B 335 10.41 -19.74 -15.29
CA MET B 335 9.40 -20.75 -15.07
C MET B 335 10.09 -21.98 -14.49
N ALA B 336 9.55 -22.48 -13.38
CA ALA B 336 10.00 -23.75 -12.83
C ALA B 336 9.46 -24.89 -13.71
N ARG B 337 10.36 -25.56 -14.43
CA ARG B 337 9.96 -26.71 -15.25
C ARG B 337 10.09 -28.01 -14.46
N THR B 338 10.99 -28.01 -13.47
CA THR B 338 11.18 -29.16 -12.58
C THR B 338 11.06 -28.69 -11.10
N PRO B 339 10.93 -29.63 -10.16
CA PRO B 339 10.99 -29.22 -8.75
C PRO B 339 12.38 -28.68 -8.38
N GLN B 340 12.42 -27.57 -7.65
CA GLN B 340 13.67 -26.96 -7.18
C GLN B 340 13.61 -26.72 -5.68
N THR B 341 14.74 -26.90 -5.00
CA THR B 341 14.79 -26.72 -3.55
C THR B 341 15.74 -25.62 -3.10
N VAL B 342 15.21 -24.74 -2.25
CA VAL B 342 15.98 -23.67 -1.65
C VAL B 342 15.40 -23.42 -0.25
N ALA B 343 16.28 -23.06 0.70
CA ALA B 343 15.89 -22.80 2.10
C ALA B 343 15.08 -23.91 2.76
N GLY B 344 15.12 -25.12 2.19
CA GLY B 344 14.32 -26.23 2.72
C GLY B 344 12.96 -26.39 2.04
N TYR B 345 12.56 -25.37 1.28
CA TYR B 345 11.27 -25.43 0.56
C TYR B 345 11.45 -26.08 -0.80
N THR B 346 10.40 -26.77 -1.26
CA THR B 346 10.36 -27.30 -2.61
C THR B 346 9.37 -26.48 -3.43
N ILE B 347 9.89 -25.74 -4.40
CA ILE B 347 9.03 -25.03 -5.34
C ILE B 347 8.47 -26.04 -6.35
N PRO B 348 7.13 -26.10 -6.49
CA PRO B 348 6.56 -27.02 -7.48
C PRO B 348 6.68 -26.47 -8.91
N PRO B 349 6.77 -27.37 -9.91
CA PRO B 349 6.67 -26.95 -11.32
C PRO B 349 5.38 -26.19 -11.56
N GLY B 350 5.47 -25.08 -12.28
CA GLY B 350 4.32 -24.23 -12.55
C GLY B 350 4.48 -22.80 -12.08
N HIS B 351 5.14 -22.63 -10.94
CA HIS B 351 5.42 -21.32 -10.36
C HIS B 351 6.33 -20.52 -11.26
N GLN B 352 6.10 -19.22 -11.32
CA GLN B 352 7.07 -18.29 -11.88
C GLN B 352 7.99 -17.88 -10.75
N VAL B 353 9.26 -18.25 -10.84
CA VAL B 353 10.23 -17.96 -9.78
C VAL B 353 10.87 -16.60 -10.02
N CYS B 354 10.98 -15.80 -8.97
CA CYS B 354 11.37 -14.40 -9.13
C CYS B 354 12.44 -13.93 -8.16
N VAL B 355 13.29 -13.05 -8.67
CA VAL B 355 14.26 -12.36 -7.84
C VAL B 355 14.13 -10.88 -8.15
N SER B 356 14.30 -10.05 -7.12
CA SER B 356 14.26 -8.60 -7.28
C SER B 356 15.59 -7.97 -6.83
N PRO B 357 16.41 -7.54 -7.79
CA PRO B 357 17.63 -6.82 -7.39
C PRO B 357 17.29 -5.72 -6.38
N THR B 358 16.27 -4.91 -6.71
CA THR B 358 15.86 -3.76 -5.90
C THR B 358 15.73 -4.12 -4.43
N VAL B 359 14.96 -5.16 -4.14
CA VAL B 359 14.77 -5.59 -2.76
C VAL B 359 16.11 -6.04 -2.18
N ASN B 360 16.82 -6.94 -2.88
CA ASN B 360 18.12 -7.44 -2.41
C ASN B 360 19.11 -6.34 -2.06
N GLN B 361 19.03 -5.25 -2.81
CA GLN B 361 20.02 -4.16 -2.79
C GLN B 361 19.75 -3.09 -1.74
N ARG B 362 18.63 -3.21 -1.03
CA ARG B 362 18.28 -2.32 0.07
C ARG B 362 17.81 -3.11 1.26
N LEU B 363 18.04 -4.42 1.23
CA LEU B 363 17.57 -5.32 2.27
C LEU B 363 18.13 -4.92 3.64
N LYS B 364 17.23 -4.71 4.60
CA LYS B 364 17.58 -4.18 5.93
C LYS B 364 18.62 -5.02 6.66
N ASP B 365 18.59 -6.33 6.37
CA ASP B 365 19.52 -7.32 6.94
C ASP B 365 20.98 -7.10 6.60
N SER B 366 21.27 -6.39 5.52
CA SER B 366 22.65 -6.36 5.05
C SER B 366 23.08 -5.05 4.43
N TRP B 367 22.27 -4.00 4.58
CA TRP B 367 22.70 -2.67 4.13
C TRP B 367 22.52 -1.67 5.28
N VAL B 368 23.58 -0.90 5.53
CA VAL B 368 23.58 0.17 6.52
C VAL B 368 23.08 1.45 5.83
N GLU B 369 22.20 2.17 6.51
CA GLU B 369 21.50 3.35 5.93
C GLU B 369 21.02 3.00 4.54
N ARG B 370 20.17 1.97 4.46
CA ARG B 370 19.75 1.36 3.19
C ARG B 370 19.17 2.32 2.16
N LEU B 371 18.38 3.29 2.62
CA LEU B 371 17.71 4.21 1.72
C LEU B 371 18.55 5.43 1.37
N ASP B 372 19.72 5.53 2.00
CA ASP B 372 20.65 6.62 1.76
C ASP B 372 21.44 6.48 0.45
N PHE B 373 21.50 7.55 -0.32
CA PHE B 373 22.42 7.60 -1.45
C PHE B 373 23.83 7.92 -0.96
N ASN B 374 24.63 6.89 -0.75
CA ASN B 374 25.99 7.02 -0.22
C ASN B 374 27.02 6.16 -0.97
N PRO B 375 27.67 6.73 -2.01
CA PRO B 375 28.67 6.00 -2.78
C PRO B 375 29.90 5.57 -1.97
N ASP B 376 30.06 6.11 -0.76
CA ASP B 376 31.18 5.69 0.10
C ASP B 376 30.89 4.37 0.83
N ARG B 377 29.67 3.84 0.68
CA ARG B 377 29.31 2.60 1.38
C ARG B 377 30.20 1.45 0.94
N TYR B 378 30.61 1.50 -0.33
CA TYR B 378 31.48 0.48 -0.93
C TYR B 378 32.94 0.61 -0.46
N LEU B 379 33.29 1.78 0.03
CA LEU B 379 34.60 2.01 0.64
C LEU B 379 34.63 1.60 2.12
N GLN B 380 33.60 0.87 2.54
CA GLN B 380 33.52 0.26 3.88
C GLN B 380 33.27 -1.22 3.65
N ASP B 381 32.57 -1.85 4.61
CA ASP B 381 32.13 -3.24 4.41
C ASP B 381 30.65 -3.38 4.03
N ASN B 382 30.45 -4.07 2.91
CA ASN B 382 29.17 -4.14 2.21
C ASN B 382 29.00 -5.52 1.58
N PRO B 383 27.73 -5.95 1.36
CA PRO B 383 27.49 -7.28 0.80
C PRO B 383 27.71 -7.38 -0.71
N ALA B 384 28.02 -6.25 -1.36
CA ALA B 384 28.35 -6.25 -2.79
C ALA B 384 29.61 -7.07 -3.07
N SER B 385 30.58 -7.00 -2.15
CA SER B 385 31.73 -7.92 -2.16
C SER B 385 31.65 -8.92 -0.98
N GLY B 386 30.94 -8.54 0.07
CA GLY B 386 30.74 -9.42 1.23
C GLY B 386 29.85 -10.63 0.97
N GLU B 387 28.95 -10.52 0.00
CA GLU B 387 27.99 -11.59 -0.31
C GLU B 387 27.87 -11.81 -1.81
N LYS B 388 27.44 -13.01 -2.19
CA LYS B 388 27.36 -13.35 -3.60
C LYS B 388 26.29 -12.56 -4.36
N PHE B 389 25.03 -12.66 -3.91
CA PHE B 389 23.90 -12.13 -4.66
C PHE B 389 23.03 -11.11 -3.88
N ALA B 390 23.66 -10.13 -3.25
CA ALA B 390 22.94 -9.03 -2.61
C ALA B 390 22.97 -7.80 -3.53
N TYR B 391 24.07 -7.64 -4.24
CA TYR B 391 24.16 -6.59 -5.21
C TYR B 391 24.21 -7.25 -6.58
N VAL B 392 23.16 -7.06 -7.37
CA VAL B 392 22.97 -7.90 -8.54
C VAL B 392 22.25 -7.20 -9.71
N PRO B 393 22.60 -5.94 -10.01
CA PRO B 393 21.85 -5.18 -11.02
C PRO B 393 21.96 -5.67 -12.47
N PHE B 394 22.95 -6.50 -12.78
CA PHE B 394 23.14 -7.02 -14.13
C PHE B 394 22.97 -8.54 -14.11
N GLY B 395 22.33 -9.05 -13.08
CA GLY B 395 22.10 -10.48 -12.93
C GLY B 395 23.32 -11.29 -12.55
N ALA B 396 23.28 -12.57 -12.93
CA ALA B 396 24.33 -13.56 -12.67
C ALA B 396 23.93 -14.89 -13.32
N GLY B 397 24.91 -15.79 -13.48
CA GLY B 397 24.68 -17.11 -14.08
C GLY B 397 24.33 -17.01 -15.55
N ARG B 398 23.79 -18.09 -16.12
CA ARG B 398 23.52 -18.18 -17.55
C ARG B 398 22.94 -16.94 -18.22
N HIS B 399 21.98 -16.30 -17.55
CA HIS B 399 21.25 -15.16 -18.14
C HIS B 399 21.85 -13.78 -17.81
N ARG B 400 23.09 -13.79 -17.30
CA ARG B 400 23.81 -12.58 -16.87
C ARG B 400 24.02 -11.58 -18.01
N CYS B 401 24.01 -10.29 -17.69
CA CYS B 401 24.17 -9.23 -18.70
C CYS B 401 25.52 -9.23 -19.44
N ILE B 402 25.55 -8.57 -20.59
CA ILE B 402 26.78 -8.37 -21.34
C ILE B 402 27.03 -6.89 -21.62
N GLY B 403 26.08 -6.04 -21.21
CA GLY B 403 26.14 -4.62 -21.51
C GLY B 403 26.76 -3.76 -20.43
N GLU B 404 27.15 -4.39 -19.31
CA GLU B 404 27.71 -3.69 -18.16
C GLU B 404 28.87 -2.75 -18.50
N ASN B 405 29.89 -3.24 -19.21
CA ASN B 405 30.99 -2.36 -19.58
C ASN B 405 30.48 -1.22 -20.48
N PHE B 406 29.66 -1.55 -21.49
CA PHE B 406 29.15 -0.52 -22.39
C PHE B 406 28.23 0.49 -21.69
N ALA B 407 27.41 -0.01 -20.77
CA ALA B 407 26.48 0.84 -20.01
C ALA B 407 27.22 1.76 -19.05
N TYR B 408 28.33 1.28 -18.52
CA TYR B 408 29.19 2.12 -17.69
C TYR B 408 29.91 3.17 -18.52
N VAL B 409 30.23 2.81 -19.76
CA VAL B 409 30.91 3.75 -20.65
C VAL B 409 29.97 4.85 -21.12
N GLN B 410 28.76 4.46 -21.50
CA GLN B 410 27.74 5.41 -21.97
C GLN B 410 27.33 6.39 -20.88
N ILE B 411 26.99 5.87 -19.71
CA ILE B 411 26.52 6.68 -18.60
C ILE B 411 27.62 7.62 -18.10
N LYS B 412 28.83 7.06 -17.99
CA LYS B 412 30.00 7.76 -17.48
C LYS B 412 30.37 8.96 -18.35
N THR B 413 30.39 8.74 -19.67
CA THR B 413 30.75 9.78 -20.63
C THR B 413 29.70 10.87 -20.63
N ILE B 414 28.44 10.47 -20.61
CA ILE B 414 27.32 11.43 -20.65
C ILE B 414 27.33 12.34 -19.43
N TRP B 415 27.45 11.74 -18.23
CA TRP B 415 27.47 12.53 -17.00
C TRP B 415 28.74 13.36 -16.80
N SER B 416 29.87 12.89 -17.31
CA SER B 416 31.09 13.69 -17.30
C SER B 416 30.86 14.97 -18.11
N THR B 417 30.39 14.79 -19.35
CA THR B 417 30.05 15.90 -20.22
C THR B 417 28.97 16.79 -19.59
N MET B 418 27.99 16.17 -18.93
CA MET B 418 26.86 16.91 -18.37
C MET B 418 27.26 17.78 -17.18
N LEU B 419 28.10 17.22 -16.31
CA LEU B 419 28.67 17.98 -15.20
C LEU B 419 29.59 19.11 -15.69
N ARG B 420 30.19 18.92 -16.86
CA ARG B 420 31.05 19.95 -17.44
C ARG B 420 30.21 21.09 -17.99
N LEU B 421 29.05 20.74 -18.53
CA LEU B 421 28.13 21.74 -19.05
C LEU B 421 27.40 22.47 -17.94
N TYR B 422 26.82 21.72 -17.00
CA TYR B 422 25.83 22.30 -16.07
C TYR B 422 25.95 21.88 -14.63
N GLU B 423 25.61 22.80 -13.74
CA GLU B 423 25.30 22.50 -12.35
C GLU B 423 23.79 22.23 -12.28
N PHE B 424 23.40 21.19 -11.54
CA PHE B 424 22.00 20.72 -11.50
C PHE B 424 21.38 20.85 -10.11
N ASP B 425 20.10 21.20 -10.07
CA ASP B 425 19.36 21.36 -8.81
C ASP B 425 17.93 20.85 -8.89
N LEU B 426 17.40 20.44 -7.75
CA LEU B 426 16.00 20.07 -7.61
C LEU B 426 15.13 21.30 -7.78
N ILE B 427 13.90 21.12 -8.26
CA ILE B 427 12.95 22.23 -8.32
C ILE B 427 12.09 22.26 -7.07
N ASP B 428 12.28 23.28 -6.24
CA ASP B 428 11.58 23.41 -4.95
C ASP B 428 11.82 22.25 -4.00
N GLY B 429 12.91 21.52 -4.21
CA GLY B 429 13.25 20.37 -3.37
C GLY B 429 12.53 19.10 -3.78
N TYR B 430 11.85 19.12 -4.91
CA TYR B 430 11.16 17.92 -5.38
C TYR B 430 12.10 16.81 -5.86
N PHE B 431 12.11 15.71 -5.11
CA PHE B 431 12.77 14.47 -5.52
C PHE B 431 11.73 13.52 -6.12
N PRO B 432 11.92 13.13 -7.40
CA PRO B 432 10.93 12.32 -8.11
C PRO B 432 10.65 10.99 -7.43
N THR B 433 9.39 10.57 -7.49
CA THR B 433 8.99 9.26 -6.98
C THR B 433 8.97 8.30 -8.16
N VAL B 434 8.58 7.05 -7.90
CA VAL B 434 8.67 6.01 -8.92
C VAL B 434 7.30 5.72 -9.56
N ASN B 435 7.28 5.74 -10.89
CA ASN B 435 6.11 5.38 -11.69
C ASN B 435 6.09 3.87 -11.97
N TYR B 436 5.06 3.19 -11.44
CA TYR B 436 4.93 1.74 -11.57
C TYR B 436 3.90 1.26 -12.60
N THR B 437 3.32 2.20 -13.34
CA THR B 437 2.31 1.90 -14.38
C THR B 437 2.96 1.31 -15.64
N THR B 438 4.29 1.35 -15.69
CA THR B 438 5.05 0.80 -16.82
C THR B 438 6.22 -0.05 -16.32
N MET B 439 6.64 -1.02 -17.12
CA MET B 439 7.87 -1.78 -16.82
C MET B 439 9.13 -0.96 -17.09
N ILE B 440 8.97 0.10 -17.86
CA ILE B 440 9.90 1.23 -17.84
C ILE B 440 9.62 1.99 -16.54
N HIS B 441 10.45 1.79 -15.52
CA HIS B 441 10.28 2.50 -14.25
C HIS B 441 10.92 3.89 -14.34
N THR B 442 10.07 4.89 -14.54
CA THR B 442 10.49 6.26 -14.73
C THR B 442 10.34 7.07 -13.44
N PRO B 443 11.11 8.17 -13.30
CA PRO B 443 10.87 9.16 -12.25
C PRO B 443 9.63 10.00 -12.55
N GLU B 444 8.80 10.24 -11.53
CA GLU B 444 7.59 11.05 -11.67
C GLU B 444 7.95 12.53 -11.89
N ASN B 445 7.57 13.07 -13.04
CA ASN B 445 7.81 14.50 -13.36
C ASN B 445 9.30 14.86 -13.21
N PRO B 446 10.16 14.23 -14.04
CA PRO B 446 11.61 14.35 -13.90
C PRO B 446 12.13 15.62 -14.55
N VAL B 447 11.87 16.75 -13.90
CA VAL B 447 12.31 18.05 -14.37
C VAL B 447 13.34 18.58 -13.38
N ILE B 448 14.52 18.94 -13.89
CA ILE B 448 15.58 19.54 -13.07
C ILE B 448 15.80 21.00 -13.45
N ARG B 449 16.35 21.76 -12.51
CA ARG B 449 16.88 23.09 -12.80
C ARG B 449 18.36 22.93 -13.19
N TYR B 450 18.82 23.79 -14.09
CA TYR B 450 20.21 23.74 -14.54
C TYR B 450 20.84 25.13 -14.75
N LYS B 451 21.96 25.35 -14.07
CA LYS B 451 22.83 26.51 -14.28
C LYS B 451 23.99 26.07 -15.15
N ARG B 452 24.48 26.98 -16.00
CA ARG B 452 25.77 26.78 -16.68
C ARG B 452 26.89 26.70 -15.63
N ARG B 453 27.85 25.81 -15.84
CA ARG B 453 28.92 25.57 -14.86
C ARG B 453 29.79 26.80 -14.62
#